data_3PRE
#
_entry.id   3PRE
#
_cell.length_a   143.541
_cell.length_b   67.276
_cell.length_c   106.529
_cell.angle_alpha   90.00
_cell.angle_beta   95.77
_cell.angle_gamma   90.00
#
_symmetry.space_group_name_H-M   'C 1 2 1'
#
loop_
_entity.id
_entity.type
_entity.pdbx_description
1 polymer 'Phosphatidylinositol-4,5-bisphosphate 3-kinase catalytic subunit gamma isoform'
2 non-polymer 2-amino-8-(trans-4-methoxycyclohexyl)-4-methyl-6-(1H-pyrazol-3-yl)pyrido[2,3-d]pyrimidin-7(8H)-one
#
_entity_poly.entity_id   1
_entity_poly.type   'polypeptide(L)'
_entity_poly.pdbx_seq_one_letter_code
;MSEESQAFQRQLTALIGYDVTDVSNVHDDELEFTRRGLVTPRMAEVASRDPKLYAMHPWVTSKPLPEYLWKKIANNCIFI
VIHRSTTSQTIKVSPDDTPGAILQSFFTKMAKKKSLMDIPESQSEQDFVLRVCGRDEYLVGETPIKNFQWVRHCLKNGEE
IHVVLDTPPDPALDEVRKEEWPLVDDCTGVTGYHEQLTIHGKDHESVFTVSLWDCDRKFRVKIRGIDIPVLPRNTDLTVF
VEANIQHGQQVLCQRRTSPKPFTEEVLWNVWLEFSIKIKDLPKGALLNLQIYCGKAPALSSKASAESPSSESKGKVQLLY
YVNLLLIDHRFLLRRGEYVLHMWQISGKGEDQGSFNADKLTSATNPDKENSMSISILLDNYCHPIALPKHQPTPDPEGDR
VRAEMPNQLRKQLEAIIATDPLNPLTAEDKELLWHFRYESLKHPKAYPKLFSSVKWGQQEIVAKTYQLLARREVWDQSAL
DVGLTMQLLDCNFSDENVRAIAVQKLESLEDDDVLHYLLQLVQAVKFEPYHDSALARFLLKRGLRNKRIGHFLFWFLRSE
IAQSRHYQQRFAVILEAYLRGCGTAMLHDFTQQVQVIEMLQKVTLDIKSLSAEKYDVSSQVISQLKQKLENLQNSQLPES
FRVPYDPGLKAGALAIEKCKVMASKKKPLWLEFKCADPTALSNETIGIIFKHGDDLRQDMLILQILRIMESIWETESLDL
CLLPYGCISTGDKIGMIEIVKDATTIAKIQQSTVGNTGAFKDEVLNHWLKEKSPTEEKFQAAVERFVYSCAGYCVATFVL
GIGDRHNDNIMITETGNLFHIDFGHILGNYKSFLGINKERVPFVLTPDFLFVMGTSGKKTSPHFQKFQDICVKAYLALRH
HTNLLIILFSMMLMTGMPQLTSKEDIEYIRDALTVGKNEEDAKKYFLDQIEVCRDKGWTVQFNWFLHLVLGIKQGEKHSA
HHHHHH
;
_entity_poly.pdbx_strand_id   A
#
loop_
_chem_comp.id
_chem_comp.type
_chem_comp.name
_chem_comp.formula
3RE non-polymer 2-amino-8-(trans-4-methoxycyclohexyl)-4-methyl-6-(1H-pyrazol-3-yl)pyrido[2,3-d]pyrimidin-7(8H)-one 'C18 H22 N6 O2'
#
# COMPACT_ATOMS: atom_id res chain seq x y z
N SER A 2 30.70 -20.56 -11.00
CA SER A 2 31.74 -19.59 -10.54
C SER A 2 31.82 -19.53 -9.01
N GLU A 3 32.90 -18.93 -8.48
CA GLU A 3 33.00 -18.70 -7.05
C GLU A 3 32.33 -17.37 -6.72
N GLU A 4 32.85 -16.28 -7.30
CA GLU A 4 32.24 -14.95 -7.14
C GLU A 4 30.95 -14.88 -7.96
N SER A 5 30.20 -15.98 -7.88
CA SER A 5 28.84 -16.07 -8.38
C SER A 5 28.05 -16.77 -7.30
N GLN A 6 28.73 -17.66 -6.57
CA GLN A 6 28.19 -18.20 -5.31
C GLN A 6 28.06 -17.00 -4.38
N ALA A 7 29.09 -16.15 -4.41
CA ALA A 7 29.13 -14.93 -3.59
C ALA A 7 27.82 -14.18 -3.63
N PHE A 8 27.34 -13.96 -4.85
CA PHE A 8 26.16 -13.18 -5.13
C PHE A 8 24.94 -13.78 -4.47
N GLN A 9 24.67 -15.04 -4.82
CA GLN A 9 23.48 -15.78 -4.35
C GLN A 9 23.45 -15.95 -2.84
N ARG A 10 24.51 -15.51 -2.17
CA ARG A 10 24.49 -15.44 -0.72
C ARG A 10 24.03 -14.02 -0.32
N GLN A 11 24.45 -13.04 -1.12
CA GLN A 11 24.13 -11.63 -0.88
C GLN A 11 22.64 -11.39 -1.03
N LEU A 12 22.15 -11.55 -2.25
CA LEU A 12 20.72 -11.61 -2.52
C LEU A 12 19.97 -12.34 -1.40
N THR A 13 20.24 -13.62 -1.20
CA THR A 13 19.62 -14.38 -0.13
C THR A 13 19.55 -13.71 1.27
N ALA A 14 20.27 -12.62 1.47
CA ALA A 14 20.22 -11.95 2.77
C ALA A 14 19.76 -10.46 2.64
N LEU A 15 19.78 -9.93 1.43
CA LEU A 15 18.94 -8.78 1.11
C LEU A 15 17.49 -9.30 1.17
N ILE A 16 17.11 -10.11 0.17
CA ILE A 16 15.78 -10.71 0.04
C ILE A 16 15.21 -11.22 1.33
N GLY A 17 16.03 -11.91 2.13
CA GLY A 17 15.60 -12.48 3.42
C GLY A 17 14.94 -13.84 3.34
N TYR A 18 15.08 -14.48 2.18
CA TYR A 18 14.59 -15.82 1.93
C TYR A 18 15.45 -16.40 0.81
N ASP A 19 15.71 -17.71 0.86
CA ASP A 19 16.57 -18.36 -0.17
C ASP A 19 15.84 -18.96 -1.39
N VAL A 20 15.87 -18.23 -2.49
CA VAL A 20 15.11 -18.53 -3.70
C VAL A 20 15.58 -19.77 -4.46
N THR A 21 16.61 -20.43 -3.94
CA THR A 21 17.14 -21.62 -4.62
C THR A 21 16.63 -22.84 -3.89
N ASP A 22 16.36 -22.68 -2.60
CA ASP A 22 15.76 -23.69 -1.70
C ASP A 22 14.50 -24.38 -2.25
N VAL A 23 14.60 -25.65 -2.60
CA VAL A 23 13.51 -26.33 -3.30
C VAL A 23 12.62 -27.27 -2.47
N SER A 24 12.78 -27.30 -1.14
CA SER A 24 11.99 -28.27 -0.36
C SER A 24 10.46 -28.04 -0.41
N ASN A 25 10.05 -26.80 -0.11
CA ASN A 25 8.64 -26.40 -0.01
C ASN A 25 7.94 -26.21 -1.36
N VAL A 26 8.40 -26.95 -2.38
CA VAL A 26 7.91 -26.85 -3.74
C VAL A 26 7.54 -28.21 -4.35
N HIS A 27 6.38 -28.31 -5.00
CA HIS A 27 5.97 -29.53 -5.69
C HIS A 27 6.01 -29.38 -7.22
N ASP A 28 6.88 -28.50 -7.72
CA ASP A 28 7.05 -28.32 -9.16
C ASP A 28 7.88 -27.09 -9.48
N ASP A 29 8.22 -26.93 -10.75
CA ASP A 29 9.20 -25.95 -11.17
C ASP A 29 8.61 -24.60 -11.62
N GLU A 30 7.66 -24.04 -10.87
CA GLU A 30 7.02 -22.79 -11.32
C GLU A 30 7.81 -21.55 -10.98
N LEU A 31 8.30 -21.53 -9.75
CA LEU A 31 9.14 -20.44 -9.32
C LEU A 31 10.40 -20.42 -10.16
N GLU A 32 10.95 -21.61 -10.40
CA GLU A 32 12.12 -21.76 -11.25
C GLU A 32 11.84 -21.22 -12.62
N PHE A 33 10.74 -21.68 -13.17
CA PHE A 33 10.28 -21.26 -14.46
C PHE A 33 10.14 -19.75 -14.55
N THR A 34 9.61 -19.16 -13.47
CA THR A 34 9.36 -17.73 -13.40
C THR A 34 10.66 -16.98 -13.15
N ARG A 35 11.52 -17.53 -12.31
CA ARG A 35 12.86 -17.00 -12.09
C ARG A 35 13.52 -16.83 -13.42
N ARG A 36 13.47 -17.89 -14.24
CA ARG A 36 13.99 -17.88 -15.60
C ARG A 36 13.19 -16.93 -16.47
N GLY A 37 11.87 -16.94 -16.31
CA GLY A 37 10.97 -16.10 -17.12
C GLY A 37 11.23 -14.60 -17.07
N LEU A 38 11.59 -14.09 -15.90
CA LEU A 38 11.73 -12.66 -15.69
C LEU A 38 12.95 -12.10 -16.39
N VAL A 39 13.98 -12.94 -16.53
CA VAL A 39 15.27 -12.59 -17.16
C VAL A 39 15.16 -11.72 -18.43
N THR A 40 14.17 -11.97 -19.28
CA THR A 40 14.03 -11.15 -20.50
C THR A 40 13.38 -9.75 -20.28
N PRO A 41 12.32 -9.67 -19.45
CA PRO A 41 11.82 -8.32 -19.17
C PRO A 41 12.78 -7.52 -18.29
N ARG A 42 13.54 -8.18 -17.42
CA ARG A 42 14.56 -7.47 -16.64
C ARG A 42 15.65 -6.89 -17.53
N MET A 43 16.32 -7.74 -18.30
CA MET A 43 17.42 -7.31 -19.12
C MET A 43 16.96 -6.22 -20.08
N ALA A 44 15.73 -6.38 -20.57
CA ALA A 44 15.18 -5.51 -21.59
C ALA A 44 15.04 -4.07 -21.09
N GLU A 45 14.82 -3.94 -19.78
CA GLU A 45 14.55 -2.65 -19.15
C GLU A 45 15.87 -1.99 -18.80
N VAL A 46 16.84 -2.81 -18.41
CA VAL A 46 18.19 -2.34 -18.17
C VAL A 46 18.84 -1.85 -19.47
N ALA A 47 18.64 -2.62 -20.54
CA ALA A 47 19.21 -2.26 -21.81
C ALA A 47 18.46 -1.10 -22.41
N SER A 48 17.50 -0.55 -21.67
CA SER A 48 16.65 0.50 -22.22
C SER A 48 16.74 1.83 -21.54
N ARG A 49 17.15 1.83 -20.27
CA ARG A 49 17.16 3.08 -19.51
C ARG A 49 18.25 4.08 -19.95
N ASP A 50 17.91 5.37 -19.91
CA ASP A 50 18.91 6.42 -20.13
C ASP A 50 19.78 6.47 -18.89
N PRO A 51 21.09 6.16 -19.03
CA PRO A 51 21.91 5.94 -17.83
C PRO A 51 22.04 7.18 -17.00
N LYS A 52 22.02 8.35 -17.66
CA LYS A 52 22.08 9.65 -16.97
C LYS A 52 20.79 9.89 -16.19
N LEU A 53 19.69 10.16 -16.89
CA LEU A 53 18.39 10.34 -16.22
C LEU A 53 18.06 9.26 -15.15
N TYR A 54 18.61 8.05 -15.28
CA TYR A 54 18.37 7.02 -14.27
C TYR A 54 19.29 7.19 -13.06
N ALA A 55 20.35 7.97 -13.23
CA ALA A 55 21.39 8.00 -12.20
C ALA A 55 20.95 8.99 -11.12
N MET A 56 20.24 10.02 -11.57
CA MET A 56 19.90 11.16 -10.73
C MET A 56 18.44 11.17 -10.31
N HIS A 57 17.68 10.26 -10.91
CA HIS A 57 16.30 9.98 -10.56
C HIS A 57 15.50 11.23 -10.25
N PRO A 58 15.23 12.05 -11.28
CA PRO A 58 14.41 13.25 -11.02
C PRO A 58 12.99 12.90 -10.60
N TRP A 59 12.48 13.59 -9.60
CA TRP A 59 11.12 13.35 -9.15
C TRP A 59 10.23 14.40 -9.80
N VAL A 60 9.46 13.98 -10.79
CA VAL A 60 8.80 14.91 -11.67
C VAL A 60 7.31 14.56 -11.92
N THR A 61 6.49 15.57 -12.13
CA THR A 61 5.06 15.38 -12.41
C THR A 61 4.53 16.19 -13.63
N SER A 62 3.55 15.64 -14.33
CA SER A 62 2.88 16.31 -15.43
C SER A 62 1.56 16.92 -15.01
N LYS A 63 1.21 16.80 -13.73
CA LYS A 63 -0.05 17.37 -13.28
C LYS A 63 0.02 18.90 -13.38
N PRO A 64 -1.15 19.57 -13.56
CA PRO A 64 -1.17 21.01 -13.61
C PRO A 64 -0.80 21.54 -12.25
N LEU A 65 0.12 22.50 -12.22
CA LEU A 65 0.51 23.13 -10.99
C LEU A 65 -0.76 23.71 -10.40
N PRO A 66 -1.20 23.21 -9.24
CA PRO A 66 -2.50 23.64 -8.71
C PRO A 66 -2.57 25.14 -8.37
N GLU A 67 -3.79 25.63 -8.08
CA GLU A 67 -4.02 27.05 -7.83
C GLU A 67 -3.39 27.52 -6.55
N TYR A 68 -3.79 26.96 -5.43
CA TYR A 68 -3.29 27.43 -4.13
C TYR A 68 -1.80 27.79 -4.16
N LEU A 69 -1.02 27.09 -4.98
CA LEU A 69 0.41 27.33 -5.12
C LEU A 69 0.75 28.43 -6.12
N TRP A 70 0.07 28.47 -7.27
CA TRP A 70 0.19 29.62 -8.17
C TRP A 70 0.00 30.88 -7.35
N LYS A 71 -1.12 30.97 -6.64
CA LYS A 71 -1.43 32.14 -5.84
C LYS A 71 -0.26 32.52 -4.92
N LYS A 72 0.36 31.53 -4.26
CA LYS A 72 1.49 31.82 -3.36
C LYS A 72 2.72 32.32 -4.12
N ILE A 73 2.52 32.76 -5.37
CA ILE A 73 3.60 33.34 -6.16
C ILE A 73 3.65 34.87 -6.10
N ALA A 74 4.87 35.40 -6.18
CA ALA A 74 5.13 36.84 -6.13
C ALA A 74 4.69 37.51 -7.44
N ASN A 75 5.10 36.93 -8.57
CA ASN A 75 4.61 37.30 -9.90
C ASN A 75 5.43 36.61 -10.99
N ASN A 76 4.92 35.49 -11.50
CA ASN A 76 5.64 34.70 -12.52
C ASN A 76 7.15 34.65 -12.16
N CYS A 77 7.42 34.63 -10.86
CA CYS A 77 8.74 34.86 -10.32
C CYS A 77 9.00 34.00 -9.10
N ILE A 78 9.93 33.05 -9.29
CA ILE A 78 10.35 32.13 -8.24
C ILE A 78 11.81 32.37 -7.89
N PHE A 79 12.10 32.25 -6.60
CA PHE A 79 13.44 32.50 -6.09
C PHE A 79 14.17 31.20 -5.78
N ILE A 80 15.39 31.11 -6.29
CA ILE A 80 16.25 29.94 -6.13
C ILE A 80 17.59 30.42 -5.59
N VAL A 81 17.98 29.91 -4.43
CA VAL A 81 19.26 30.28 -3.83
C VAL A 81 20.29 29.18 -4.10
N ILE A 82 21.11 29.41 -5.12
CA ILE A 82 22.20 28.50 -5.46
C ILE A 82 23.36 28.68 -4.50
N HIS A 83 23.85 27.58 -3.92
CA HIS A 83 25.04 27.60 -3.06
C HIS A 83 26.18 26.98 -3.84
N ARG A 84 27.38 26.93 -3.26
CA ARG A 84 28.54 26.30 -3.92
C ARG A 84 29.63 25.93 -2.92
N SER A 85 30.44 26.92 -2.54
CA SER A 85 31.52 26.70 -1.60
C SER A 85 30.97 27.05 -0.23
N THR A 86 30.69 28.34 -0.04
CA THR A 86 30.07 28.83 1.19
C THR A 86 28.97 29.82 0.80
N THR A 87 29.33 30.71 -0.13
CA THR A 87 28.47 31.82 -0.57
C THR A 87 27.21 31.36 -1.30
N SER A 88 26.32 32.30 -1.58
CA SER A 88 25.06 32.00 -2.24
C SER A 88 24.94 32.66 -3.61
N GLN A 89 23.75 33.23 -3.86
CA GLN A 89 23.33 33.86 -5.14
C GLN A 89 21.84 33.60 -5.34
N THR A 90 21.04 34.65 -5.41
CA THR A 90 19.59 34.50 -5.44
C THR A 90 18.99 34.93 -6.79
N ILE A 91 18.97 33.99 -7.75
CA ILE A 91 18.44 34.23 -9.12
C ILE A 91 16.89 34.23 -9.21
N LYS A 92 16.34 35.22 -9.91
CA LYS A 92 14.90 35.28 -10.23
C LYS A 92 14.59 34.43 -11.48
N VAL A 93 13.72 33.43 -11.35
CA VAL A 93 13.40 32.52 -12.47
C VAL A 93 11.88 32.28 -12.65
N SER A 94 11.50 31.99 -13.90
CA SER A 94 10.12 31.73 -14.27
C SER A 94 9.79 30.25 -14.10
N PRO A 95 8.58 29.94 -13.57
CA PRO A 95 8.19 28.58 -13.26
C PRO A 95 8.33 27.65 -14.45
N ASP A 96 8.36 28.23 -15.65
CA ASP A 96 8.40 27.45 -16.87
C ASP A 96 9.83 27.17 -17.34
N ASP A 97 10.80 27.69 -16.60
CA ASP A 97 12.23 27.58 -16.98
C ASP A 97 12.86 26.21 -16.73
N THR A 98 13.27 25.55 -17.82
CA THR A 98 14.08 24.32 -17.74
C THR A 98 15.33 24.43 -16.83
N PRO A 99 15.75 23.32 -16.18
CA PRO A 99 16.94 23.38 -15.32
C PRO A 99 18.24 23.54 -16.10
N GLY A 100 18.29 23.06 -17.34
CA GLY A 100 19.45 23.26 -18.21
C GLY A 100 19.64 24.74 -18.50
N ALA A 101 18.50 25.43 -18.65
CA ALA A 101 18.41 26.90 -18.91
C ALA A 101 18.75 27.79 -17.72
N ILE A 102 18.51 27.30 -16.53
CA ILE A 102 18.75 28.09 -15.35
C ILE A 102 20.26 28.26 -15.16
N LEU A 103 21.03 27.64 -16.05
CA LEU A 103 22.48 27.82 -16.06
C LEU A 103 22.91 28.82 -17.13
N GLN A 104 22.12 28.91 -18.20
CA GLN A 104 22.21 30.05 -19.14
C GLN A 104 21.75 31.33 -18.45
N SER A 105 21.47 31.20 -17.15
CA SER A 105 21.17 32.34 -16.31
C SER A 105 22.30 32.44 -15.28
N PHE A 106 23.48 31.99 -15.67
CA PHE A 106 24.60 31.84 -14.73
C PHE A 106 25.95 31.87 -15.45
N PHE A 107 26.13 30.94 -16.40
CA PHE A 107 27.29 30.89 -17.31
C PHE A 107 27.32 32.16 -18.13
N THR A 108 26.29 32.98 -17.93
CA THR A 108 26.13 34.28 -18.55
C THR A 108 25.47 35.22 -17.53
N LYS A 109 25.88 35.11 -16.27
CA LYS A 109 25.38 35.98 -15.20
C LYS A 109 26.34 36.33 -14.05
N MET A 110 26.95 35.34 -13.41
CA MET A 110 27.99 35.66 -12.41
C MET A 110 29.39 35.37 -12.93
N ALA A 111 29.54 35.43 -14.26
CA ALA A 111 30.83 35.29 -14.93
C ALA A 111 31.66 36.56 -14.79
N ASP A 127 27.79 20.19 -18.38
CA ASP A 127 28.86 20.65 -17.49
C ASP A 127 28.57 20.35 -15.99
N PHE A 128 27.67 21.15 -15.40
CA PHE A 128 27.36 21.06 -13.96
C PHE A 128 25.89 20.72 -13.69
N VAL A 129 25.65 20.02 -12.57
CA VAL A 129 24.32 19.53 -12.22
C VAL A 129 23.82 20.17 -10.92
N LEU A 130 22.50 20.22 -10.72
CA LEU A 130 21.88 20.91 -9.57
C LEU A 130 21.23 19.99 -8.55
N ARG A 131 21.91 19.75 -7.43
CA ARG A 131 21.40 18.89 -6.36
C ARG A 131 20.71 19.66 -5.23
N VAL A 132 19.53 19.23 -4.82
CA VAL A 132 18.88 19.87 -3.68
C VAL A 132 19.78 19.70 -2.46
N CYS A 133 20.01 20.80 -1.74
CA CYS A 133 20.90 20.79 -0.58
C CYS A 133 20.39 19.87 0.51
N GLY A 134 21.26 18.94 0.94
CA GLY A 134 20.97 18.02 2.05
C GLY A 134 20.18 16.80 1.66
N ARG A 135 19.84 16.72 0.38
CA ARG A 135 19.06 15.63 -0.14
C ARG A 135 19.80 15.00 -1.32
N ASP A 136 19.33 13.83 -1.75
CA ASP A 136 19.83 13.18 -2.95
C ASP A 136 18.82 13.30 -4.06
N GLU A 137 18.44 14.53 -4.32
CA GLU A 137 17.49 14.86 -5.36
C GLU A 137 18.15 15.91 -6.22
N TYR A 138 17.91 15.83 -7.52
CA TYR A 138 18.58 16.61 -8.51
C TYR A 138 17.52 17.19 -9.39
N LEU A 139 17.65 18.47 -9.80
CA LEU A 139 16.77 19.10 -10.81
C LEU A 139 17.39 19.03 -12.23
N VAL A 140 16.96 18.06 -13.04
CA VAL A 140 17.56 17.85 -14.37
C VAL A 140 16.60 17.44 -15.46
N GLY A 141 17.12 17.32 -16.69
CA GLY A 141 16.36 16.89 -17.87
C GLY A 141 15.30 17.91 -18.24
N GLU A 142 14.70 17.80 -19.42
CA GLU A 142 13.82 18.89 -19.84
C GLU A 142 12.44 18.85 -19.16
N THR A 143 12.32 19.51 -18.00
CA THR A 143 11.01 19.76 -17.38
C THR A 143 10.93 21.18 -16.85
N PRO A 144 9.74 21.82 -16.89
CA PRO A 144 9.65 23.14 -16.28
C PRO A 144 9.79 23.03 -14.78
N ILE A 145 10.68 23.83 -14.20
CA ILE A 145 10.91 23.73 -12.78
C ILE A 145 9.62 23.66 -11.95
N LYS A 146 8.52 24.25 -12.47
CA LYS A 146 7.20 24.13 -11.83
C LYS A 146 6.82 22.66 -11.62
N ASN A 147 7.46 21.77 -12.38
CA ASN A 147 7.11 20.38 -12.44
C ASN A 147 7.88 19.47 -11.50
N PHE A 148 8.95 19.96 -10.86
CA PHE A 148 9.64 19.14 -9.89
C PHE A 148 8.91 19.05 -8.55
N GLN A 149 8.76 17.83 -8.03
CA GLN A 149 8.15 17.64 -6.71
C GLN A 149 8.72 18.51 -5.59
N TRP A 150 10.03 18.68 -5.55
CA TRP A 150 10.65 19.40 -4.43
C TRP A 150 10.27 20.86 -4.50
N VAL A 151 10.14 21.38 -5.71
CA VAL A 151 9.66 22.74 -5.90
C VAL A 151 8.24 22.92 -5.30
N ARG A 152 7.35 21.97 -5.58
CA ARG A 152 5.98 22.03 -5.12
C ARG A 152 5.97 21.93 -3.61
N HIS A 153 6.86 21.08 -3.09
CA HIS A 153 6.94 20.88 -1.65
C HIS A 153 7.43 22.15 -0.98
N CYS A 154 8.21 22.94 -1.70
CA CYS A 154 8.75 24.16 -1.14
C CYS A 154 7.73 25.27 -1.20
N LEU A 155 6.85 25.24 -2.19
CA LEU A 155 5.89 26.33 -2.35
C LEU A 155 4.76 26.23 -1.36
N LYS A 156 4.53 25.03 -0.86
CA LYS A 156 3.41 24.80 0.03
C LYS A 156 3.85 25.13 1.44
N ASN A 157 4.97 24.54 1.85
CA ASN A 157 5.45 24.67 3.20
C ASN A 157 6.29 25.95 3.32
N GLY A 158 6.41 26.67 2.20
CA GLY A 158 6.96 28.02 2.18
C GLY A 158 8.37 28.19 2.69
N GLU A 159 9.23 27.20 2.41
CA GLU A 159 10.66 27.34 2.61
C GLU A 159 11.28 27.88 1.33
N GLU A 160 12.54 28.28 1.44
CA GLU A 160 13.35 28.69 0.30
C GLU A 160 13.86 27.46 -0.46
N ILE A 161 14.26 27.65 -1.72
CA ILE A 161 14.74 26.53 -2.57
C ILE A 161 16.27 26.54 -2.74
N HIS A 162 16.96 25.86 -1.84
CA HIS A 162 18.41 25.84 -1.85
C HIS A 162 19.02 24.65 -2.57
N VAL A 163 20.06 24.91 -3.35
CA VAL A 163 20.68 23.94 -4.24
C VAL A 163 22.20 24.00 -4.15
N VAL A 164 22.86 22.85 -4.01
CA VAL A 164 24.29 22.84 -4.29
C VAL A 164 24.51 22.53 -5.77
N LEU A 165 25.51 23.16 -6.35
CA LEU A 165 25.91 22.84 -7.71
C LEU A 165 27.04 21.83 -7.64
N ASP A 166 26.91 20.70 -8.34
CA ASP A 166 28.03 19.75 -8.44
C ASP A 166 28.04 18.80 -9.63
N THR A 167 28.93 17.83 -9.53
CA THR A 167 29.19 16.85 -10.58
C THR A 167 28.00 15.90 -10.69
N PRO A 168 27.61 15.56 -11.94
CA PRO A 168 26.71 14.43 -12.16
C PRO A 168 27.36 13.18 -11.57
N PRO A 169 26.57 12.32 -10.89
CA PRO A 169 27.21 11.10 -10.45
C PRO A 169 27.47 10.20 -11.66
N ASP A 170 28.42 9.27 -11.51
CA ASP A 170 28.89 8.43 -12.60
C ASP A 170 27.90 7.31 -12.96
N PRO A 171 27.30 7.36 -14.17
CA PRO A 171 26.31 6.39 -14.59
C PRO A 171 26.85 4.99 -14.59
N ALA A 172 28.17 4.88 -14.71
CA ALA A 172 28.84 3.58 -14.63
C ALA A 172 28.77 2.92 -13.25
N LEU A 173 28.14 3.58 -12.29
CA LEU A 173 28.02 2.96 -10.96
C LEU A 173 26.73 2.16 -10.91
N ASP A 174 25.83 2.46 -11.86
CA ASP A 174 24.63 1.67 -12.08
C ASP A 174 24.95 0.57 -13.06
N GLU A 175 26.03 -0.14 -12.76
CA GLU A 175 26.54 -1.19 -13.60
C GLU A 175 25.91 -2.47 -13.10
N VAL A 176 25.35 -3.25 -14.01
CA VAL A 176 24.71 -4.49 -13.63
C VAL A 176 25.64 -5.69 -13.86
N ARG A 177 25.81 -6.51 -12.82
CA ARG A 177 26.63 -7.71 -12.89
C ARG A 177 26.16 -8.70 -13.97
N LYS A 178 26.94 -8.80 -15.06
CA LYS A 178 26.66 -9.69 -16.20
C LYS A 178 26.35 -11.15 -15.88
N GLU A 179 25.47 -11.75 -16.67
CA GLU A 179 25.22 -13.21 -16.74
C GLU A 179 24.41 -13.56 -18.00
N GLU A 180 24.59 -14.77 -18.56
CA GLU A 180 23.87 -15.21 -19.79
C GLU A 180 22.37 -15.36 -19.57
N SER A 211 -4.24 -32.90 -26.22
CA SER A 211 -5.15 -31.74 -26.20
C SER A 211 -6.33 -31.93 -25.26
N LEU A 212 -6.66 -30.83 -24.58
CA LEU A 212 -7.66 -30.84 -23.52
C LEU A 212 -9.02 -30.47 -24.08
N TRP A 213 -9.03 -29.76 -25.21
CA TRP A 213 -10.26 -29.36 -25.86
C TRP A 213 -10.83 -30.53 -26.66
N ASP A 214 -10.66 -31.72 -26.09
CA ASP A 214 -11.15 -32.94 -26.72
C ASP A 214 -11.78 -33.83 -25.68
N CYS A 215 -11.02 -34.53 -24.84
CA CYS A 215 -11.72 -35.47 -23.99
C CYS A 215 -12.77 -34.79 -23.12
N ASP A 216 -14.02 -35.17 -23.40
CA ASP A 216 -15.20 -34.66 -22.71
C ASP A 216 -15.39 -35.43 -21.41
N ARG A 217 -14.29 -35.96 -20.91
CA ARG A 217 -14.27 -36.69 -19.68
C ARG A 217 -14.65 -35.75 -18.56
N LYS A 218 -15.50 -36.21 -17.64
CA LYS A 218 -15.74 -35.49 -16.40
C LYS A 218 -14.47 -35.54 -15.50
N PHE A 219 -13.99 -34.37 -15.06
CA PHE A 219 -12.80 -34.32 -14.19
C PHE A 219 -13.04 -35.02 -12.83
N ARG A 220 -11.98 -35.57 -12.26
CA ARG A 220 -12.06 -36.43 -11.09
C ARG A 220 -10.83 -36.29 -10.20
N VAL A 221 -10.99 -36.46 -8.90
CA VAL A 221 -9.87 -36.38 -7.98
C VAL A 221 -9.84 -37.56 -7.02
N LYS A 222 -8.75 -38.33 -7.11
CA LYS A 222 -8.52 -39.38 -6.15
C LYS A 222 -7.95 -38.75 -4.92
N ILE A 223 -8.74 -38.75 -3.86
CA ILE A 223 -8.23 -38.52 -2.51
C ILE A 223 -7.64 -39.84 -2.09
N ARG A 224 -6.50 -39.81 -1.40
CA ARG A 224 -5.99 -40.99 -0.68
C ARG A 224 -6.30 -40.84 0.81
N GLY A 225 -5.95 -39.70 1.39
CA GLY A 225 -6.27 -39.41 2.79
C GLY A 225 -5.50 -38.24 3.39
N ILE A 226 -5.73 -38.00 4.69
CA ILE A 226 -5.13 -36.91 5.45
C ILE A 226 -4.48 -37.40 6.72
N ASP A 227 -3.51 -36.63 7.21
CA ASP A 227 -2.68 -37.01 8.37
C ASP A 227 -2.05 -35.81 9.06
N ILE A 228 -2.06 -35.82 10.40
CA ILE A 228 -1.60 -34.68 11.20
C ILE A 228 -0.87 -35.01 12.53
N PRO A 229 0.46 -34.76 12.57
CA PRO A 229 1.35 -34.83 13.74
C PRO A 229 0.71 -35.02 15.12
N VAL A 230 -0.07 -34.06 15.61
CA VAL A 230 -0.76 -34.23 16.91
C VAL A 230 -2.14 -33.55 16.99
N LEU A 231 -3.16 -34.33 17.38
CA LEU A 231 -4.53 -33.82 17.57
C LEU A 231 -4.64 -32.96 18.84
N LEU A 237 -12.71 -37.16 16.61
CA LEU A 237 -14.02 -36.58 16.20
C LEU A 237 -14.51 -37.11 14.82
N THR A 238 -15.25 -36.28 14.10
CA THR A 238 -15.68 -36.58 12.73
C THR A 238 -15.09 -35.54 11.77
N VAL A 239 -14.72 -35.99 10.56
CA VAL A 239 -13.93 -35.16 9.62
C VAL A 239 -14.10 -35.48 8.12
N PHE A 240 -14.02 -34.45 7.28
CA PHE A 240 -14.14 -34.60 5.82
C PHE A 240 -13.40 -33.56 4.98
N VAL A 241 -12.61 -34.08 4.06
CA VAL A 241 -12.11 -33.36 2.91
C VAL A 241 -13.28 -32.75 2.15
N GLU A 242 -13.18 -31.45 1.86
CA GLU A 242 -14.05 -30.80 0.91
C GLU A 242 -13.17 -30.32 -0.22
N ALA A 243 -13.54 -30.69 -1.44
CA ALA A 243 -12.78 -30.29 -2.63
C ALA A 243 -13.64 -29.39 -3.52
N ASN A 244 -13.04 -28.29 -3.99
CA ASN A 244 -13.74 -27.32 -4.86
C ASN A 244 -12.94 -26.97 -6.09
N ILE A 245 -13.63 -26.63 -7.17
CA ILE A 245 -12.93 -26.13 -8.33
C ILE A 245 -13.36 -24.69 -8.60
N GLN A 246 -12.41 -23.77 -8.40
CA GLN A 246 -12.69 -22.34 -8.34
C GLN A 246 -12.02 -21.56 -9.41
N HIS A 247 -12.68 -20.47 -9.80
CA HIS A 247 -12.09 -19.47 -10.69
C HIS A 247 -12.48 -18.15 -10.05
N GLY A 248 -11.48 -17.39 -9.61
CA GLY A 248 -11.70 -16.13 -8.90
C GLY A 248 -13.00 -16.05 -8.12
N GLN A 249 -13.15 -16.91 -7.12
CA GLN A 249 -14.34 -16.87 -6.25
C GLN A 249 -15.59 -17.55 -6.82
N GLN A 250 -15.77 -17.48 -8.13
CA GLN A 250 -16.80 -18.30 -8.75
C GLN A 250 -16.38 -19.72 -8.38
N VAL A 251 -17.21 -20.41 -7.59
CA VAL A 251 -16.99 -21.83 -7.31
C VAL A 251 -17.76 -22.66 -8.31
N LEU A 252 -17.03 -23.40 -9.14
CA LEU A 252 -17.58 -24.08 -10.31
C LEU A 252 -18.23 -25.42 -9.98
N CYS A 253 -17.45 -26.33 -9.42
CA CYS A 253 -18.00 -27.59 -8.95
C CYS A 253 -17.82 -27.74 -7.43
N GLN A 254 -18.12 -28.93 -6.91
CA GLN A 254 -17.97 -29.19 -5.48
C GLN A 254 -18.40 -30.61 -5.12
N ARG A 255 -17.52 -31.29 -4.39
CA ARG A 255 -17.82 -32.57 -3.71
C ARG A 255 -17.39 -32.53 -2.25
N ARG A 256 -17.86 -33.52 -1.50
CA ARG A 256 -17.37 -33.81 -0.15
C ARG A 256 -16.87 -35.26 -0.04
N THR A 257 -16.26 -35.59 1.10
CA THR A 257 -15.96 -36.97 1.42
C THR A 257 -16.87 -37.41 2.55
N SER A 258 -16.99 -38.73 2.70
CA SER A 258 -17.82 -39.30 3.74
C SER A 258 -17.09 -39.15 5.05
N PRO A 259 -17.70 -38.46 6.02
CA PRO A 259 -17.08 -38.18 7.32
C PRO A 259 -16.55 -39.43 8.03
N LYS A 260 -15.24 -39.50 8.25
CA LYS A 260 -14.64 -40.62 8.98
C LYS A 260 -14.19 -40.18 10.38
N PRO A 261 -14.09 -41.14 11.33
CA PRO A 261 -13.58 -40.76 12.65
C PRO A 261 -12.25 -40.01 12.55
N PHE A 262 -12.03 -39.03 13.43
CA PHE A 262 -10.93 -38.08 13.28
C PHE A 262 -9.65 -38.55 13.97
N THR A 263 -8.76 -39.19 13.21
CA THR A 263 -7.50 -39.72 13.76
C THR A 263 -6.25 -39.38 12.96
N GLU A 264 -5.16 -39.23 13.69
CA GLU A 264 -3.81 -38.88 13.21
C GLU A 264 -3.51 -39.31 11.78
N GLU A 265 -4.20 -40.34 11.32
CA GLU A 265 -4.22 -40.68 9.90
C GLU A 265 -5.65 -41.12 9.55
N VAL A 266 -6.22 -40.50 8.52
CA VAL A 266 -7.54 -40.88 8.02
C VAL A 266 -7.47 -41.12 6.52
N LEU A 267 -7.83 -42.34 6.10
CA LEU A 267 -7.75 -42.73 4.67
C LEU A 267 -9.10 -43.05 4.02
N TRP A 268 -9.21 -42.73 2.72
CA TRP A 268 -10.46 -42.85 1.93
C TRP A 268 -10.28 -43.67 0.65
N ASN A 269 -9.12 -43.54 0.02
CA ASN A 269 -8.86 -43.96 -1.37
C ASN A 269 -9.91 -43.64 -2.44
N VAL A 270 -10.85 -42.73 -2.10
CA VAL A 270 -11.99 -42.34 -2.98
C VAL A 270 -11.59 -41.62 -4.26
N TRP A 271 -12.35 -41.87 -5.30
CA TRP A 271 -12.42 -41.00 -6.48
C TRP A 271 -13.57 -40.03 -6.25
N LEU A 272 -13.26 -38.77 -6.01
CA LEU A 272 -14.29 -37.73 -6.09
C LEU A 272 -14.38 -37.32 -7.55
N GLU A 273 -15.56 -37.58 -8.11
CA GLU A 273 -15.86 -37.31 -9.52
C GLU A 273 -16.57 -35.96 -9.62
N PHE A 274 -16.07 -35.07 -10.48
CA PHE A 274 -16.71 -33.77 -10.62
C PHE A 274 -17.65 -33.72 -11.82
N SER A 275 -18.45 -32.65 -11.87
CA SER A 275 -19.45 -32.46 -12.96
C SER A 275 -18.93 -31.61 -14.12
N ILE A 276 -17.88 -30.81 -13.88
CA ILE A 276 -17.20 -30.12 -14.95
C ILE A 276 -16.45 -31.13 -15.83
N LYS A 277 -16.19 -30.73 -17.05
CA LYS A 277 -15.52 -31.60 -17.99
C LYS A 277 -14.09 -31.14 -18.28
N ILE A 278 -13.21 -32.12 -18.48
CA ILE A 278 -11.77 -31.89 -18.65
C ILE A 278 -11.50 -30.74 -19.60
N LYS A 279 -12.37 -30.60 -20.61
CA LYS A 279 -12.27 -29.49 -21.55
C LYS A 279 -12.99 -28.22 -21.06
N ASP A 280 -13.86 -28.36 -20.08
CA ASP A 280 -14.54 -27.19 -19.55
C ASP A 280 -13.73 -26.56 -18.41
N LEU A 281 -12.44 -26.89 -18.33
CA LEU A 281 -11.58 -26.31 -17.30
C LEU A 281 -10.87 -25.09 -17.84
N PRO A 282 -10.80 -24.01 -17.01
CA PRO A 282 -10.17 -22.76 -17.46
C PRO A 282 -8.79 -22.52 -16.84
N LYS A 283 -7.87 -21.94 -17.61
CA LYS A 283 -6.57 -21.59 -17.06
C LYS A 283 -6.74 -20.68 -15.86
N GLY A 284 -6.16 -21.08 -14.73
CA GLY A 284 -6.36 -20.35 -13.51
C GLY A 284 -7.32 -21.03 -12.55
N ALA A 285 -7.88 -22.16 -12.95
CA ALA A 285 -8.72 -22.91 -12.03
C ALA A 285 -7.88 -23.49 -10.91
N LEU A 286 -8.29 -23.21 -9.68
CA LEU A 286 -7.68 -23.80 -8.50
C LEU A 286 -8.46 -25.02 -8.07
N LEU A 287 -7.75 -26.02 -7.55
CA LEU A 287 -8.41 -27.08 -6.81
C LEU A 287 -8.29 -26.77 -5.36
N ASN A 288 -9.30 -26.13 -4.80
CA ASN A 288 -9.25 -25.81 -3.38
C ASN A 288 -9.58 -27.02 -2.53
N LEU A 289 -8.66 -27.48 -1.71
CA LEU A 289 -8.98 -28.54 -0.75
C LEU A 289 -9.12 -27.97 0.64
N GLN A 290 -10.17 -28.39 1.34
CA GLN A 290 -10.45 -27.86 2.66
C GLN A 290 -10.87 -28.99 3.61
N ILE A 291 -10.60 -28.83 4.91
CA ILE A 291 -10.97 -29.82 5.92
C ILE A 291 -11.80 -29.23 7.05
N TYR A 292 -13.10 -29.57 7.04
CA TYR A 292 -14.01 -29.20 8.11
C TYR A 292 -14.17 -30.39 9.05
N CYS A 293 -14.60 -30.11 10.27
CA CYS A 293 -14.87 -31.17 11.23
C CYS A 293 -16.19 -30.91 11.95
N VAL A 316 -19.97 -27.86 12.64
CA VAL A 316 -19.04 -28.10 11.55
C VAL A 316 -18.24 -26.85 11.24
N GLN A 317 -16.92 -26.93 11.42
CA GLN A 317 -16.00 -25.79 11.22
C GLN A 317 -14.78 -26.19 10.41
N LEU A 318 -14.35 -25.27 9.55
CA LEU A 318 -13.12 -25.42 8.75
C LEU A 318 -11.88 -25.17 9.59
N LEU A 319 -10.87 -26.02 9.38
CA LEU A 319 -9.63 -25.89 10.12
C LEU A 319 -8.42 -25.73 9.20
N TYR A 320 -8.37 -26.47 8.09
CA TYR A 320 -7.19 -26.44 7.24
C TYR A 320 -7.54 -26.32 5.74
N TYR A 321 -6.70 -25.61 5.00
CA TYR A 321 -6.87 -25.44 3.55
C TYR A 321 -5.58 -25.64 2.76
N VAL A 322 -5.73 -25.86 1.46
CA VAL A 322 -4.63 -25.80 0.52
C VAL A 322 -5.17 -25.69 -0.89
N ASN A 323 -4.34 -25.24 -1.81
CA ASN A 323 -4.76 -25.09 -3.19
C ASN A 323 -3.75 -25.65 -4.19
N LEU A 324 -4.27 -26.00 -5.35
CA LEU A 324 -3.41 -26.41 -6.43
C LEU A 324 -4.04 -25.98 -7.74
N LEU A 325 -3.22 -25.38 -8.60
CA LEU A 325 -3.62 -25.13 -9.98
C LEU A 325 -3.79 -26.46 -10.71
N LEU A 326 -4.80 -26.55 -11.57
CA LEU A 326 -5.05 -27.74 -12.34
C LEU A 326 -4.45 -27.55 -13.72
N ILE A 327 -4.39 -26.32 -14.18
CA ILE A 327 -3.63 -26.05 -15.38
C ILE A 327 -2.33 -25.42 -14.93
N ASP A 328 -1.24 -26.17 -15.03
CA ASP A 328 0.08 -25.66 -14.62
C ASP A 328 0.57 -24.53 -15.54
N HIS A 329 1.70 -23.90 -15.17
CA HIS A 329 2.22 -22.72 -15.86
C HIS A 329 2.57 -22.95 -17.31
N ARG A 330 2.61 -24.22 -17.71
CA ARG A 330 2.95 -24.60 -19.09
C ARG A 330 1.72 -24.86 -19.98
N PHE A 331 0.54 -24.48 -19.48
CA PHE A 331 -0.72 -24.75 -20.14
C PHE A 331 -1.07 -26.24 -20.13
N LEU A 332 -0.42 -27.01 -19.27
CA LEU A 332 -0.60 -28.47 -19.20
C LEU A 332 -1.46 -28.86 -18.02
N LEU A 333 -2.43 -29.73 -18.27
CA LEU A 333 -3.27 -30.25 -17.20
C LEU A 333 -2.39 -30.95 -16.21
N ARG A 334 -2.71 -30.79 -14.95
CA ARG A 334 -1.93 -31.36 -13.87
C ARG A 334 -2.13 -32.87 -13.78
N ARG A 335 -1.05 -33.66 -13.78
CA ARG A 335 -1.13 -35.13 -13.59
C ARG A 335 -0.37 -35.60 -12.34
N GLY A 336 -0.72 -36.80 -11.87
CA GLY A 336 0.17 -37.53 -10.95
C GLY A 336 -0.15 -37.56 -9.47
N GLU A 337 0.91 -37.51 -8.67
CA GLU A 337 0.79 -37.76 -7.24
C GLU A 337 1.23 -36.55 -6.42
N TYR A 338 0.35 -36.10 -5.51
CA TYR A 338 0.65 -34.94 -4.67
C TYR A 338 0.32 -35.15 -3.21
N VAL A 339 1.23 -34.69 -2.34
CA VAL A 339 1.02 -34.68 -0.89
C VAL A 339 1.27 -33.26 -0.47
N LEU A 340 0.29 -32.64 0.18
CA LEU A 340 0.35 -31.21 0.39
C LEU A 340 0.28 -30.84 1.84
N HIS A 341 1.16 -29.94 2.24
CA HIS A 341 1.10 -29.46 3.60
C HIS A 341 0.19 -28.22 3.69
N MET A 342 -0.86 -28.37 4.50
CA MET A 342 -2.01 -27.46 4.47
C MET A 342 -1.83 -26.32 5.44
N TRP A 343 -2.63 -25.28 5.25
CA TRP A 343 -2.57 -24.10 6.11
C TRP A 343 -3.65 -24.14 7.16
N GLN A 344 -3.29 -23.76 8.38
CA GLN A 344 -4.25 -23.80 9.45
C GLN A 344 -5.02 -22.51 9.40
N ILE A 345 -5.93 -22.34 10.35
CA ILE A 345 -6.78 -21.16 10.40
C ILE A 345 -6.35 -20.24 11.52
N SER A 346 -6.92 -19.05 11.58
CA SER A 346 -6.59 -18.10 12.64
C SER A 346 -7.78 -17.83 13.56
N GLY A 347 -7.48 -17.49 14.82
CA GLY A 347 -8.48 -17.14 15.85
C GLY A 347 -9.55 -18.21 16.05
N PHE A 355 -13.16 -13.52 1.87
CA PHE A 355 -12.36 -13.33 3.07
C PHE A 355 -10.93 -12.92 2.65
N ASN A 356 -9.91 -13.30 3.43
CA ASN A 356 -8.58 -12.78 3.19
C ASN A 356 -7.75 -13.54 2.13
N ALA A 357 -6.63 -12.93 1.74
CA ALA A 357 -5.97 -13.25 0.48
C ALA A 357 -5.06 -14.45 0.57
N ASP A 358 -4.88 -14.92 1.80
CA ASP A 358 -4.06 -16.08 2.05
C ASP A 358 -4.77 -17.39 1.78
N LYS A 359 -6.10 -17.39 1.77
CA LYS A 359 -6.84 -18.62 1.42
C LYS A 359 -6.81 -18.88 -0.07
N LEU A 360 -6.04 -18.08 -0.80
CA LEU A 360 -5.97 -18.16 -2.25
C LEU A 360 -4.61 -18.61 -2.75
N THR A 361 -3.64 -18.70 -1.85
CA THR A 361 -2.24 -18.89 -2.23
C THR A 361 -1.92 -20.28 -2.74
N SER A 362 -1.29 -20.37 -3.91
CA SER A 362 -0.90 -21.67 -4.46
C SER A 362 0.31 -22.29 -3.74
N ALA A 363 0.68 -21.74 -2.60
CA ALA A 363 1.87 -22.17 -1.94
C ALA A 363 1.55 -23.09 -0.78
N THR A 364 2.38 -24.09 -0.56
CA THR A 364 2.16 -25.06 0.54
C THR A 364 2.95 -24.70 1.79
N ASN A 365 2.34 -24.95 2.95
CA ASN A 365 2.95 -24.64 4.26
C ASN A 365 4.34 -25.29 4.52
N PRO A 366 5.42 -24.47 4.56
CA PRO A 366 6.79 -24.96 4.71
C PRO A 366 7.04 -25.86 5.93
N ASP A 367 6.45 -25.49 7.07
CA ASP A 367 6.50 -26.26 8.32
C ASP A 367 5.94 -27.66 8.10
N LYS A 368 6.79 -28.70 8.18
CA LYS A 368 6.33 -30.11 7.99
C LYS A 368 6.25 -30.92 9.28
N GLU A 369 7.15 -30.62 10.22
CA GLU A 369 7.11 -31.21 11.55
C GLU A 369 5.71 -31.14 12.18
N ASN A 370 4.89 -30.18 11.73
CA ASN A 370 3.64 -29.90 12.43
C ASN A 370 2.40 -29.74 11.53
N SER A 371 2.61 -29.46 10.25
CA SER A 371 1.49 -29.18 9.37
C SER A 371 0.66 -30.43 9.13
N MET A 372 -0.65 -30.22 9.06
CA MET A 372 -1.57 -31.21 8.54
C MET A 372 -1.32 -31.43 7.05
N SER A 373 -1.48 -32.67 6.59
CA SER A 373 -1.23 -32.98 5.19
C SER A 373 -2.44 -33.62 4.53
N ILE A 374 -2.41 -33.65 3.19
CA ILE A 374 -3.43 -34.29 2.39
C ILE A 374 -2.76 -34.94 1.19
N SER A 375 -3.17 -36.19 0.93
CA SER A 375 -2.59 -36.98 -0.15
C SER A 375 -3.64 -37.14 -1.24
N ILE A 376 -3.21 -37.06 -2.51
CA ILE A 376 -4.13 -37.11 -3.63
C ILE A 376 -3.43 -37.69 -4.86
N LEU A 377 -4.24 -38.18 -5.80
CA LEU A 377 -3.78 -38.65 -7.12
C LEU A 377 -4.60 -38.06 -8.25
N LEU A 378 -3.92 -37.80 -9.36
CA LEU A 378 -4.52 -37.25 -10.55
C LEU A 378 -4.51 -38.19 -11.75
N ASP A 379 -5.69 -38.36 -12.35
CA ASP A 379 -5.92 -39.08 -13.63
C ASP A 379 -4.71 -39.12 -14.58
N ASN A 380 -4.53 -40.26 -15.26
CA ASN A 380 -3.30 -40.54 -16.02
C ASN A 380 -3.52 -40.75 -17.52
N ILE A 385 -2.12 -34.09 -22.05
CA ILE A 385 -3.30 -33.22 -22.25
C ILE A 385 -3.00 -31.70 -22.09
N ALA A 386 -2.94 -30.98 -23.21
CA ALA A 386 -2.63 -29.54 -23.19
C ALA A 386 -3.82 -28.67 -23.52
N LEU A 387 -3.88 -27.50 -22.87
CA LEU A 387 -4.86 -26.46 -23.23
C LEU A 387 -4.30 -25.63 -24.38
N PRO A 388 -5.03 -25.57 -25.51
CA PRO A 388 -4.63 -24.73 -26.66
C PRO A 388 -4.58 -23.25 -26.30
N ARG A 402 -24.68 -7.91 -32.09
CA ARG A 402 -25.23 -7.66 -33.43
C ARG A 402 -26.74 -7.95 -33.49
N ALA A 403 -27.50 -7.14 -32.75
CA ALA A 403 -28.96 -7.11 -32.78
C ALA A 403 -29.37 -5.65 -32.61
N GLU A 404 -30.51 -5.38 -31.96
CA GLU A 404 -30.89 -4.01 -31.56
C GLU A 404 -31.05 -3.94 -30.04
N MET A 405 -31.90 -3.06 -29.54
CA MET A 405 -32.23 -3.00 -28.10
C MET A 405 -33.47 -2.14 -27.78
N PRO A 406 -34.33 -2.61 -26.83
CA PRO A 406 -35.45 -1.84 -26.27
C PRO A 406 -35.06 -0.52 -25.60
N ASN A 407 -35.80 -0.19 -24.54
CA ASN A 407 -35.89 1.18 -24.08
C ASN A 407 -36.11 1.20 -22.59
N GLN A 408 -36.09 0.01 -22.03
CA GLN A 408 -36.31 -0.21 -20.63
C GLN A 408 -35.27 -1.22 -20.18
N LEU A 409 -34.91 -2.12 -21.09
CA LEU A 409 -33.77 -3.01 -20.90
C LEU A 409 -32.51 -2.19 -20.97
N ARG A 410 -32.47 -1.28 -21.93
CA ARG A 410 -31.42 -0.30 -21.94
C ARG A 410 -31.38 0.38 -20.58
N LYS A 411 -32.52 0.78 -20.04
CA LYS A 411 -32.50 1.43 -18.72
C LYS A 411 -32.26 0.49 -17.55
N GLN A 412 -32.28 -0.82 -17.78
CA GLN A 412 -31.93 -1.75 -16.71
C GLN A 412 -30.43 -1.95 -16.73
N LEU A 413 -29.88 -1.82 -17.93
CA LEU A 413 -28.45 -1.99 -18.16
C LEU A 413 -27.72 -0.80 -17.56
N GLU A 414 -28.05 0.40 -18.03
CA GLU A 414 -27.49 1.65 -17.55
C GLU A 414 -27.51 1.74 -16.04
N ALA A 415 -28.59 1.30 -15.40
CA ALA A 415 -28.60 1.14 -13.93
C ALA A 415 -27.46 0.21 -13.49
N ILE A 416 -27.57 -1.09 -13.82
CA ILE A 416 -26.47 -2.03 -13.63
C ILE A 416 -25.08 -1.41 -13.83
N ILE A 417 -24.73 -0.97 -15.04
CA ILE A 417 -23.39 -0.43 -15.26
C ILE A 417 -23.06 0.69 -14.28
N ALA A 418 -24.07 1.43 -13.85
CA ALA A 418 -23.80 2.67 -13.14
C ALA A 418 -23.56 2.40 -11.67
N THR A 419 -24.15 1.34 -11.13
CA THR A 419 -23.93 0.91 -9.74
C THR A 419 -22.44 0.79 -9.28
N ASP A 420 -22.22 0.98 -7.98
CA ASP A 420 -20.88 0.88 -7.38
C ASP A 420 -20.25 -0.53 -7.50
N PRO A 421 -18.96 -0.68 -7.14
CA PRO A 421 -18.32 -1.98 -7.33
C PRO A 421 -18.84 -3.08 -6.42
N LEU A 422 -19.42 -2.71 -5.29
CA LEU A 422 -19.74 -3.69 -4.26
C LEU A 422 -21.15 -4.22 -4.31
N ASN A 423 -22.02 -3.56 -5.06
CA ASN A 423 -23.37 -4.06 -5.19
C ASN A 423 -23.30 -5.35 -6.02
N PRO A 424 -23.96 -6.43 -5.51
CA PRO A 424 -23.97 -7.77 -6.11
C PRO A 424 -24.94 -7.82 -7.26
N LEU A 425 -24.77 -8.84 -8.11
CA LEU A 425 -25.61 -8.96 -9.28
C LEU A 425 -26.41 -10.24 -9.22
N THR A 426 -27.73 -10.06 -9.19
CA THR A 426 -28.68 -11.15 -9.31
C THR A 426 -28.41 -11.88 -10.63
N ALA A 427 -28.76 -13.17 -10.68
CA ALA A 427 -28.66 -13.93 -11.92
C ALA A 427 -29.34 -13.17 -13.08
N GLU A 428 -30.44 -12.50 -12.77
CA GLU A 428 -31.21 -11.72 -13.75
C GLU A 428 -30.34 -10.62 -14.36
N ASP A 429 -29.61 -9.91 -13.50
CA ASP A 429 -28.65 -8.87 -13.91
C ASP A 429 -27.57 -9.46 -14.81
N LYS A 430 -27.05 -10.63 -14.43
CA LYS A 430 -25.87 -11.24 -15.08
C LYS A 430 -26.19 -11.80 -16.44
N GLU A 431 -27.42 -12.27 -16.60
CA GLU A 431 -27.86 -12.82 -17.89
C GLU A 431 -28.07 -11.71 -18.94
N LEU A 432 -28.24 -10.50 -18.42
CA LEU A 432 -28.59 -9.34 -19.19
C LEU A 432 -27.32 -8.75 -19.79
N LEU A 433 -26.34 -8.48 -18.93
CA LEU A 433 -24.99 -8.06 -19.34
C LEU A 433 -24.45 -8.91 -20.49
N TRP A 434 -24.64 -10.22 -20.38
CA TRP A 434 -24.00 -11.14 -21.30
C TRP A 434 -24.70 -11.01 -22.62
N HIS A 435 -26.02 -11.05 -22.57
CA HIS A 435 -26.77 -11.03 -23.80
C HIS A 435 -26.35 -9.84 -24.64
N PHE A 436 -26.41 -8.65 -24.04
CA PHE A 436 -26.04 -7.43 -24.71
C PHE A 436 -24.56 -7.10 -24.50
N ARG A 437 -23.71 -8.12 -24.50
CA ARG A 437 -22.31 -7.85 -24.25
C ARG A 437 -21.67 -6.88 -25.25
N TYR A 438 -22.10 -6.88 -26.51
CA TYR A 438 -21.46 -6.01 -27.48
C TYR A 438 -21.74 -4.55 -27.20
N GLU A 439 -22.88 -4.31 -26.56
CA GLU A 439 -23.27 -2.99 -26.16
C GLU A 439 -22.68 -2.69 -24.79
N SER A 440 -22.44 -3.73 -24.01
CA SER A 440 -21.84 -3.59 -22.68
C SER A 440 -20.39 -3.16 -22.80
N LEU A 441 -19.79 -3.48 -23.93
CA LEU A 441 -18.39 -3.23 -24.20
C LEU A 441 -18.12 -1.79 -24.58
N LYS A 442 -19.15 -1.03 -24.93
CA LYS A 442 -19.01 0.36 -25.32
C LYS A 442 -18.78 1.28 -24.10
N HIS A 443 -18.91 0.71 -22.91
CA HIS A 443 -18.70 1.46 -21.68
C HIS A 443 -17.63 0.78 -20.84
N PRO A 444 -16.45 1.40 -20.72
CA PRO A 444 -15.43 0.92 -19.78
C PRO A 444 -15.99 0.62 -18.39
N LYS A 445 -16.71 1.59 -17.81
CA LYS A 445 -17.34 1.48 -16.50
C LYS A 445 -17.89 0.09 -16.16
N ALA A 446 -18.21 -0.65 -17.21
CA ALA A 446 -18.94 -1.92 -17.12
C ALA A 446 -18.06 -3.16 -17.09
N TYR A 447 -16.82 -3.06 -17.56
CA TYR A 447 -16.03 -4.25 -17.79
C TYR A 447 -15.99 -5.22 -16.59
N PRO A 448 -15.70 -4.71 -15.36
CA PRO A 448 -15.88 -5.49 -14.12
C PRO A 448 -17.16 -6.34 -14.12
N LYS A 449 -18.27 -5.65 -13.98
CA LYS A 449 -19.55 -6.30 -13.92
C LYS A 449 -19.75 -7.27 -15.08
N LEU A 450 -19.28 -6.92 -16.27
CA LEU A 450 -19.50 -7.78 -17.44
C LEU A 450 -18.66 -9.02 -17.36
N PHE A 451 -17.40 -8.83 -17.00
CA PHE A 451 -16.50 -9.94 -16.96
C PHE A 451 -16.77 -10.78 -15.75
N SER A 452 -17.61 -10.29 -14.86
CA SER A 452 -18.08 -11.12 -13.74
C SER A 452 -19.30 -11.94 -14.13
N SER A 453 -19.94 -11.58 -15.23
CA SER A 453 -21.13 -12.30 -15.68
C SER A 453 -20.74 -13.53 -16.49
N VAL A 454 -19.45 -13.83 -16.53
CA VAL A 454 -19.04 -14.90 -17.39
C VAL A 454 -19.08 -16.23 -16.65
N LYS A 455 -19.64 -17.23 -17.33
CA LYS A 455 -19.60 -18.62 -16.88
C LYS A 455 -18.26 -19.17 -17.39
N TRP A 456 -17.28 -19.03 -16.51
CA TRP A 456 -15.90 -19.36 -16.79
C TRP A 456 -15.71 -20.87 -16.94
N GLY A 457 -16.50 -21.64 -16.17
CA GLY A 457 -16.53 -23.10 -16.31
C GLY A 457 -17.14 -23.64 -17.60
N GLN A 458 -17.21 -22.83 -18.66
CA GLN A 458 -17.71 -23.33 -19.94
C GLN A 458 -16.88 -22.90 -21.14
N GLN A 459 -16.25 -23.90 -21.76
CA GLN A 459 -15.28 -23.70 -22.83
C GLN A 459 -15.69 -22.71 -23.92
N GLU A 460 -16.91 -22.85 -24.45
CA GLU A 460 -17.37 -21.95 -25.50
C GLU A 460 -17.62 -20.51 -25.03
N ILE A 461 -18.19 -20.34 -23.84
CA ILE A 461 -18.38 -19.00 -23.27
C ILE A 461 -17.05 -18.25 -23.32
N VAL A 462 -16.04 -18.83 -22.66
CA VAL A 462 -14.68 -18.31 -22.63
C VAL A 462 -14.21 -17.77 -24.00
N ALA A 463 -14.37 -18.59 -25.03
CA ALA A 463 -13.99 -18.22 -26.40
C ALA A 463 -14.66 -16.96 -26.91
N LYS A 464 -15.95 -16.81 -26.62
CA LYS A 464 -16.72 -15.63 -27.06
C LYS A 464 -16.26 -14.44 -26.25
N THR A 465 -15.97 -14.69 -24.97
CA THR A 465 -15.28 -13.73 -24.12
C THR A 465 -14.05 -13.20 -24.83
N TYR A 466 -13.18 -14.10 -25.29
CA TYR A 466 -12.02 -13.72 -26.08
C TYR A 466 -12.42 -13.03 -27.36
N GLN A 467 -13.43 -13.56 -28.03
CA GLN A 467 -13.95 -12.89 -29.22
C GLN A 467 -14.21 -11.44 -28.90
N LEU A 468 -14.96 -11.20 -27.83
CA LEU A 468 -15.16 -9.86 -27.28
C LEU A 468 -13.88 -9.05 -27.08
N LEU A 469 -12.83 -9.67 -26.56
CA LEU A 469 -11.63 -8.94 -26.20
C LEU A 469 -10.82 -8.44 -27.41
N ALA A 470 -11.08 -9.05 -28.56
CA ALA A 470 -10.47 -8.59 -29.81
C ALA A 470 -11.17 -7.34 -30.31
N ARG A 471 -12.33 -7.06 -29.72
CA ARG A 471 -13.11 -5.88 -30.07
C ARG A 471 -13.05 -4.83 -28.94
N ARG A 472 -11.85 -4.63 -28.41
CA ARG A 472 -11.58 -3.92 -27.16
C ARG A 472 -11.46 -2.40 -27.33
N GLU A 473 -11.49 -1.96 -28.59
CA GLU A 473 -11.33 -0.54 -28.98
C GLU A 473 -11.64 0.56 -27.92
N VAL A 474 -12.92 0.76 -27.58
CA VAL A 474 -13.32 1.86 -26.66
C VAL A 474 -12.44 1.93 -25.43
N TRP A 475 -12.17 0.74 -24.88
CA TRP A 475 -11.36 0.60 -23.70
C TRP A 475 -9.96 1.15 -24.00
N ASP A 476 -9.24 0.52 -24.94
CA ASP A 476 -7.86 0.92 -25.29
C ASP A 476 -7.73 2.40 -25.48
N GLN A 477 -8.84 3.01 -25.89
CA GLN A 477 -8.91 4.43 -26.20
C GLN A 477 -9.36 5.29 -25.02
N SER A 478 -10.14 4.71 -24.11
CA SER A 478 -10.70 5.47 -22.99
C SER A 478 -9.59 6.08 -22.13
N ALA A 479 -9.89 7.23 -21.52
CA ALA A 479 -8.95 7.88 -20.61
C ALA A 479 -8.76 6.96 -19.43
N LEU A 480 -7.50 6.67 -19.11
CA LEU A 480 -7.19 5.72 -18.04
C LEU A 480 -7.87 6.09 -16.73
N ASP A 481 -8.61 5.14 -16.17
CA ASP A 481 -9.18 5.26 -14.82
C ASP A 481 -8.73 4.10 -13.92
N VAL A 482 -7.96 4.42 -12.88
CA VAL A 482 -7.31 3.42 -12.06
C VAL A 482 -8.26 2.57 -11.21
N GLY A 483 -9.24 3.21 -10.56
CA GLY A 483 -10.26 2.47 -9.79
C GLY A 483 -10.87 1.32 -10.61
N LEU A 484 -11.25 1.65 -11.84
CA LEU A 484 -11.71 0.69 -12.82
C LEU A 484 -10.60 -0.34 -13.15
N THR A 485 -9.38 0.14 -13.29
CA THR A 485 -8.28 -0.72 -13.65
C THR A 485 -7.91 -1.65 -12.50
N MET A 486 -7.85 -1.14 -11.27
CA MET A 486 -7.64 -2.01 -10.11
C MET A 486 -8.72 -3.09 -10.04
N GLN A 487 -9.95 -2.73 -10.36
CA GLN A 487 -11.03 -3.69 -10.18
C GLN A 487 -10.77 -5.02 -10.85
N LEU A 488 -10.27 -4.96 -12.08
CA LEU A 488 -9.94 -6.14 -12.83
C LEU A 488 -8.73 -6.88 -12.30
N LEU A 489 -7.94 -6.24 -11.43
CA LEU A 489 -6.80 -6.91 -10.75
C LEU A 489 -7.12 -7.53 -9.36
N ASP A 490 -8.37 -7.59 -8.94
CA ASP A 490 -8.62 -8.10 -7.59
C ASP A 490 -8.91 -9.56 -7.59
N CYS A 491 -9.39 -10.07 -6.47
CA CYS A 491 -9.53 -11.51 -6.26
C CYS A 491 -10.59 -12.14 -7.13
N ASN A 492 -11.53 -11.32 -7.61
CA ASN A 492 -12.61 -11.78 -8.50
C ASN A 492 -12.20 -12.17 -9.90
N PHE A 493 -11.18 -11.55 -10.44
CA PHE A 493 -10.86 -11.84 -11.81
C PHE A 493 -9.59 -12.70 -11.91
N SER A 494 -9.71 -13.86 -12.56
CA SER A 494 -8.60 -14.79 -12.58
C SER A 494 -8.19 -15.20 -13.99
N ASP A 495 -8.88 -14.70 -15.00
CA ASP A 495 -8.45 -14.88 -16.37
C ASP A 495 -7.25 -14.00 -16.58
N GLU A 496 -6.16 -14.64 -16.95
CA GLU A 496 -4.90 -13.97 -17.24
C GLU A 496 -5.09 -12.84 -18.24
N ASN A 497 -5.85 -13.09 -19.30
CA ASN A 497 -6.09 -12.10 -20.34
C ASN A 497 -6.93 -10.91 -19.91
N VAL A 498 -7.99 -11.10 -19.13
CA VAL A 498 -8.72 -9.93 -18.59
C VAL A 498 -7.73 -9.15 -17.71
N ARG A 499 -7.07 -9.84 -16.79
CA ARG A 499 -6.19 -9.16 -15.90
C ARG A 499 -5.17 -8.37 -16.72
N ALA A 500 -4.58 -9.05 -17.72
CA ALA A 500 -3.76 -8.38 -18.74
C ALA A 500 -4.32 -7.07 -19.36
N ILE A 501 -5.63 -6.95 -19.61
CA ILE A 501 -6.08 -5.66 -20.16
C ILE A 501 -5.97 -4.51 -19.18
N ALA A 502 -6.06 -4.81 -17.89
CA ALA A 502 -5.93 -3.77 -16.89
C ALA A 502 -4.50 -3.36 -16.80
N VAL A 503 -3.59 -4.31 -16.93
CA VAL A 503 -2.18 -4.01 -16.77
C VAL A 503 -1.68 -3.27 -17.96
N GLN A 504 -2.28 -3.50 -19.12
CA GLN A 504 -1.89 -2.69 -20.26
C GLN A 504 -2.33 -1.24 -20.04
N LYS A 505 -3.37 -1.05 -19.26
CA LYS A 505 -3.90 0.27 -19.06
C LYS A 505 -3.01 1.02 -18.09
N LEU A 506 -2.40 0.28 -17.17
CA LEU A 506 -1.46 0.90 -16.22
C LEU A 506 -0.13 1.28 -16.82
N GLU A 507 0.22 0.77 -18.01
CA GLU A 507 1.52 1.12 -18.64
C GLU A 507 1.56 2.62 -18.89
N SER A 508 0.39 3.18 -19.13
CA SER A 508 0.28 4.62 -19.41
C SER A 508 0.37 5.54 -18.17
N LEU A 509 0.76 5.03 -17.01
CA LEU A 509 0.96 5.89 -15.83
C LEU A 509 2.36 6.43 -15.80
N GLU A 510 2.50 7.71 -15.51
CA GLU A 510 3.83 8.31 -15.25
C GLU A 510 4.26 7.87 -13.85
N ASP A 511 5.54 8.04 -13.52
CA ASP A 511 6.09 7.59 -12.23
C ASP A 511 5.48 8.23 -10.98
N ASP A 512 5.16 9.50 -11.03
CA ASP A 512 4.48 10.09 -9.88
C ASP A 512 3.30 9.24 -9.43
N ASP A 513 2.46 8.90 -10.42
CA ASP A 513 1.25 8.12 -10.26
C ASP A 513 1.57 6.68 -9.89
N VAL A 514 2.56 6.10 -10.55
CA VAL A 514 2.96 4.76 -10.13
C VAL A 514 3.39 4.73 -8.67
N LEU A 515 4.01 5.80 -8.15
CA LEU A 515 4.33 5.85 -6.72
C LEU A 515 3.10 5.94 -5.82
N HIS A 516 2.06 6.63 -6.25
CA HIS A 516 0.82 6.69 -5.48
C HIS A 516 0.22 5.29 -5.29
N TYR A 517 0.12 4.54 -6.38
CA TYR A 517 -0.60 3.27 -6.30
C TYR A 517 0.29 2.06 -6.08
N LEU A 518 1.59 2.25 -5.89
CA LEU A 518 2.52 1.13 -5.79
C LEU A 518 2.18 0.08 -4.73
N LEU A 519 2.14 0.49 -3.47
CA LEU A 519 1.80 -0.46 -2.44
C LEU A 519 0.53 -1.29 -2.76
N GLN A 520 -0.54 -0.67 -3.25
CA GLN A 520 -1.67 -1.53 -3.54
C GLN A 520 -1.43 -2.45 -4.75
N LEU A 521 -0.70 -1.97 -5.75
CA LEU A 521 -0.31 -2.83 -6.92
C LEU A 521 0.55 -4.04 -6.55
N VAL A 522 1.53 -3.86 -5.69
CA VAL A 522 2.26 -4.94 -5.06
C VAL A 522 1.31 -5.90 -4.30
N GLN A 523 0.48 -5.38 -3.41
CA GLN A 523 -0.41 -6.27 -2.69
C GLN A 523 -1.25 -7.01 -3.73
N ALA A 524 -1.60 -6.31 -4.81
CA ALA A 524 -2.46 -6.87 -5.86
C ALA A 524 -1.88 -8.13 -6.49
N VAL A 525 -0.62 -8.40 -6.25
CA VAL A 525 -0.03 -9.62 -6.74
C VAL A 525 -0.51 -10.88 -6.00
N LYS A 526 -0.99 -10.72 -4.75
CA LYS A 526 -1.54 -11.88 -4.08
C LYS A 526 -2.80 -12.44 -4.77
N PHE A 527 -3.27 -11.78 -5.85
CA PHE A 527 -4.49 -12.22 -6.51
C PHE A 527 -4.19 -12.82 -7.86
N GLU A 528 -2.93 -12.80 -8.24
CA GLU A 528 -2.53 -13.39 -9.50
C GLU A 528 -2.57 -14.91 -9.36
N PRO A 529 -3.23 -15.62 -10.29
CA PRO A 529 -3.16 -17.06 -10.25
C PRO A 529 -1.75 -17.63 -10.37
N TYR A 530 -0.93 -17.09 -11.26
CA TYR A 530 0.42 -17.60 -11.45
C TYR A 530 1.50 -16.69 -10.85
N HIS A 531 2.73 -17.19 -10.79
CA HIS A 531 3.86 -16.38 -10.31
C HIS A 531 4.32 -15.34 -11.33
N ASP A 532 4.26 -15.67 -12.61
CA ASP A 532 4.76 -14.78 -13.64
C ASP A 532 3.54 -14.19 -14.34
N SER A 533 3.33 -12.88 -14.16
CA SER A 533 2.13 -12.23 -14.67
C SER A 533 2.45 -10.85 -15.23
N ALA A 534 1.57 -10.32 -16.06
CA ALA A 534 1.71 -8.95 -16.50
C ALA A 534 1.99 -7.98 -15.33
N LEU A 535 1.36 -8.24 -14.18
CA LEU A 535 1.44 -7.33 -13.05
C LEU A 535 2.80 -7.35 -12.41
N ALA A 536 3.32 -8.54 -12.15
CA ALA A 536 4.69 -8.69 -11.66
C ALA A 536 5.73 -8.13 -12.63
N ARG A 537 5.60 -8.38 -13.92
CA ARG A 537 6.56 -7.79 -14.83
C ARG A 537 6.44 -6.27 -14.86
N PHE A 538 5.22 -5.75 -14.94
CA PHE A 538 5.00 -4.31 -14.80
C PHE A 538 5.71 -3.71 -13.57
N LEU A 539 5.46 -4.30 -12.42
CA LEU A 539 6.08 -3.80 -11.24
C LEU A 539 7.58 -3.83 -11.39
N LEU A 540 8.05 -4.86 -12.10
CA LEU A 540 9.47 -5.10 -12.32
C LEU A 540 10.09 -4.02 -13.20
N LYS A 541 9.56 -3.91 -14.42
CA LYS A 541 9.99 -2.84 -15.33
C LYS A 541 10.03 -1.50 -14.59
N ARG A 542 8.91 -1.09 -14.00
CA ARG A 542 8.82 0.22 -13.40
C ARG A 542 9.85 0.45 -12.30
N GLY A 543 10.07 -0.55 -11.47
CA GLY A 543 11.08 -0.41 -10.42
C GLY A 543 12.46 -0.25 -11.03
N LEU A 544 12.70 -0.99 -12.10
CA LEU A 544 14.01 -1.00 -12.73
C LEU A 544 14.23 0.22 -13.56
N ARG A 545 13.21 1.07 -13.67
CA ARG A 545 13.30 2.25 -14.54
C ARG A 545 13.40 3.55 -13.73
N ASN A 546 13.36 3.47 -12.42
CA ASN A 546 13.24 4.65 -11.56
C ASN A 546 13.62 4.26 -10.13
N LYS A 547 14.68 4.87 -9.61
CA LYS A 547 15.24 4.37 -8.37
C LYS A 547 14.25 4.60 -7.25
N ARG A 548 13.47 5.67 -7.34
CA ARG A 548 12.49 5.98 -6.33
C ARG A 548 11.47 4.83 -6.27
N ILE A 549 10.79 4.55 -7.38
CA ILE A 549 9.87 3.41 -7.40
C ILE A 549 10.63 2.17 -6.95
N GLY A 550 11.80 1.93 -7.57
CA GLY A 550 12.66 0.79 -7.22
C GLY A 550 13.00 0.68 -5.74
N HIS A 551 13.29 1.81 -5.11
CA HIS A 551 13.56 1.85 -3.67
C HIS A 551 12.40 1.24 -2.86
N PHE A 552 11.17 1.68 -3.17
CA PHE A 552 10.01 1.36 -2.35
C PHE A 552 9.52 -0.06 -2.65
N LEU A 553 9.66 -0.43 -3.92
CA LEU A 553 9.36 -1.76 -4.40
C LEU A 553 10.15 -2.72 -3.55
N PHE A 554 11.39 -2.36 -3.29
CA PHE A 554 12.28 -3.24 -2.57
C PHE A 554 11.75 -3.47 -1.17
N TRP A 555 11.43 -2.39 -0.45
CA TRP A 555 10.94 -2.51 0.95
C TRP A 555 9.56 -3.16 1.06
N PHE A 556 8.75 -2.94 0.01
CA PHE A 556 7.39 -3.42 0.01
C PHE A 556 7.50 -4.91 -0.08
N LEU A 557 8.19 -5.37 -1.12
CA LEU A 557 8.42 -6.80 -1.30
C LEU A 557 9.15 -7.39 -0.12
N ARG A 558 10.19 -6.73 0.39
CA ARG A 558 10.88 -7.26 1.53
C ARG A 558 9.95 -7.43 2.71
N SER A 559 9.04 -6.46 2.91
CA SER A 559 8.09 -6.49 4.01
C SER A 559 7.21 -7.72 3.97
N GLU A 560 6.58 -7.96 2.82
CA GLU A 560 5.78 -9.20 2.64
C GLU A 560 6.60 -10.48 2.83
N ILE A 561 7.79 -10.52 2.21
CA ILE A 561 8.65 -11.66 2.29
C ILE A 561 8.97 -12.05 3.72
N ALA A 562 9.32 -11.07 4.53
CA ALA A 562 9.78 -11.33 5.87
C ALA A 562 8.69 -11.73 6.87
N GLN A 563 7.46 -11.93 6.41
CA GLN A 563 6.31 -12.19 7.33
C GLN A 563 5.13 -12.94 6.72
N SER A 564 5.08 -12.99 5.40
CA SER A 564 4.08 -13.76 4.69
C SER A 564 4.68 -15.14 4.33
N ARG A 565 4.18 -16.18 4.98
CA ARG A 565 4.62 -17.55 4.62
C ARG A 565 3.89 -18.01 3.36
N HIS A 566 2.78 -17.35 3.07
CA HIS A 566 1.93 -17.66 1.93
C HIS A 566 2.44 -17.03 0.64
N TYR A 567 3.18 -15.93 0.72
CA TYR A 567 3.60 -15.27 -0.50
C TYR A 567 5.09 -15.00 -0.60
N GLN A 568 5.83 -15.36 0.44
CA GLN A 568 7.25 -15.12 0.40
C GLN A 568 7.87 -15.60 -0.89
N GLN A 569 7.75 -16.89 -1.20
CA GLN A 569 8.37 -17.45 -2.43
C GLN A 569 8.13 -16.58 -3.67
N ARG A 570 6.86 -16.39 -4.02
CA ARG A 570 6.52 -15.61 -5.21
C ARG A 570 7.11 -14.20 -5.14
N PHE A 571 7.07 -13.62 -3.96
CA PHE A 571 7.60 -12.28 -3.78
C PHE A 571 9.10 -12.27 -3.85
N ALA A 572 9.72 -13.21 -3.11
CA ALA A 572 11.16 -13.49 -3.21
C ALA A 572 11.68 -13.60 -4.65
N VAL A 573 10.92 -14.21 -5.53
CA VAL A 573 11.36 -14.31 -6.92
C VAL A 573 11.27 -12.99 -7.64
N ILE A 574 10.32 -12.16 -7.24
CA ILE A 574 10.19 -10.86 -7.89
C ILE A 574 11.29 -9.92 -7.40
N LEU A 575 11.54 -9.95 -6.08
CA LEU A 575 12.59 -9.13 -5.52
C LEU A 575 13.90 -9.43 -6.29
N GLU A 576 14.29 -10.72 -6.32
CA GLU A 576 15.60 -11.16 -6.87
C GLU A 576 15.73 -10.67 -8.31
N ALA A 577 14.66 -10.84 -9.06
CA ALA A 577 14.62 -10.30 -10.38
C ALA A 577 15.00 -8.80 -10.36
N TYR A 578 14.40 -8.03 -9.45
CA TYR A 578 14.70 -6.59 -9.42
C TYR A 578 16.12 -6.35 -8.96
N LEU A 579 16.59 -7.09 -7.97
CA LEU A 579 17.95 -6.88 -7.51
C LEU A 579 19.01 -7.08 -8.61
N ARG A 580 18.75 -8.05 -9.48
CA ARG A 580 19.73 -8.47 -10.48
C ARG A 580 19.78 -7.49 -11.64
N GLY A 581 19.16 -6.32 -11.48
CA GLY A 581 19.07 -5.40 -12.58
C GLY A 581 19.13 -3.97 -12.16
N CYS A 582 19.33 -3.73 -10.87
CA CYS A 582 19.15 -2.37 -10.35
C CYS A 582 20.44 -1.60 -10.18
N GLY A 583 21.58 -2.25 -10.49
CA GLY A 583 22.89 -1.58 -10.39
C GLY A 583 23.56 -1.88 -9.06
N THR A 584 24.86 -2.04 -9.08
CA THR A 584 25.53 -2.38 -7.83
C THR A 584 25.50 -1.15 -6.91
N ALA A 585 25.51 0.04 -7.53
CA ALA A 585 25.27 1.31 -6.82
C ALA A 585 24.11 1.19 -5.83
N MET A 586 22.96 0.79 -6.35
CA MET A 586 21.75 0.53 -5.56
C MET A 586 21.91 -0.70 -4.68
N LEU A 587 22.36 -1.78 -5.31
CA LEU A 587 22.67 -3.01 -4.59
C LEU A 587 23.45 -2.76 -3.31
N HIS A 588 24.56 -2.04 -3.41
CA HIS A 588 25.42 -1.78 -2.26
C HIS A 588 24.71 -0.87 -1.27
N ASP A 589 23.98 0.10 -1.83
CA ASP A 589 23.12 0.97 -1.05
C ASP A 589 22.05 0.23 -0.24
N PHE A 590 21.28 -0.67 -0.87
CA PHE A 590 20.33 -1.50 -0.12
C PHE A 590 20.99 -2.30 1.00
N THR A 591 22.26 -2.60 0.82
CA THR A 591 22.94 -3.47 1.77
C THR A 591 23.18 -2.75 3.08
N GLN A 592 23.76 -1.56 3.01
CA GLN A 592 23.81 -0.68 4.18
C GLN A 592 22.46 -0.53 4.92
N GLN A 593 21.43 -0.17 4.16
CA GLN A 593 20.11 -0.03 4.72
C GLN A 593 19.75 -1.24 5.55
N VAL A 594 19.85 -2.44 4.96
CA VAL A 594 19.45 -3.66 5.68
C VAL A 594 20.26 -3.90 6.95
N GLN A 595 21.56 -3.62 6.87
CA GLN A 595 22.46 -3.90 7.97
C GLN A 595 21.98 -3.13 9.17
N VAL A 596 21.90 -1.82 8.99
CA VAL A 596 21.42 -0.90 10.01
C VAL A 596 20.08 -1.32 10.58
N ILE A 597 19.06 -1.47 9.75
CA ILE A 597 17.73 -1.73 10.31
C ILE A 597 17.63 -3.10 10.96
N GLU A 598 18.46 -4.05 10.56
CA GLU A 598 18.59 -5.32 11.29
C GLU A 598 19.27 -5.11 12.64
N MET A 599 20.36 -4.33 12.64
CA MET A 599 21.00 -3.91 13.88
C MET A 599 19.98 -3.34 14.84
N LEU A 600 19.14 -2.45 14.34
CA LEU A 600 18.22 -1.68 15.15
C LEU A 600 17.03 -2.46 15.70
N GLN A 601 16.59 -3.50 14.98
CA GLN A 601 15.53 -4.34 15.51
C GLN A 601 15.96 -5.18 16.72
N LYS A 602 17.23 -5.66 16.72
CA LYS A 602 17.74 -6.49 17.83
C LYS A 602 17.63 -5.69 19.11
N VAL A 603 18.09 -4.45 19.01
CA VAL A 603 18.03 -3.50 20.08
C VAL A 603 16.59 -3.32 20.55
N THR A 604 15.70 -3.11 19.60
CA THR A 604 14.32 -2.84 19.92
C THR A 604 13.71 -3.98 20.72
N LEU A 605 13.87 -5.18 20.20
CA LEU A 605 13.24 -6.37 20.79
C LEU A 605 13.88 -6.70 22.13
N ASP A 606 15.19 -6.51 22.20
CA ASP A 606 15.94 -6.70 23.43
C ASP A 606 15.55 -5.72 24.54
N ILE A 607 15.57 -4.41 24.24
CA ILE A 607 15.07 -3.45 25.21
C ILE A 607 13.65 -3.81 25.61
N LYS A 608 12.87 -4.33 24.66
CA LYS A 608 11.50 -4.64 24.97
C LYS A 608 11.41 -5.73 26.03
N SER A 609 12.31 -6.72 25.94
CA SER A 609 12.35 -7.88 26.86
C SER A 609 12.46 -7.56 28.36
N LEU A 610 13.13 -6.46 28.69
CA LEU A 610 13.33 -5.99 30.06
C LEU A 610 12.26 -4.97 30.50
N SER A 611 11.15 -5.43 31.08
CA SER A 611 10.16 -4.53 31.71
C SER A 611 8.97 -5.28 32.33
N SER A 618 12.14 2.68 33.09
CA SER A 618 12.78 2.51 34.39
C SER A 618 14.28 2.80 34.34
N SER A 619 14.71 3.80 35.11
CA SER A 619 16.07 4.34 35.12
C SER A 619 17.22 3.43 34.66
N GLN A 620 17.23 2.18 35.15
CA GLN A 620 18.26 1.23 34.72
C GLN A 620 18.25 1.17 33.20
N VAL A 621 17.08 0.86 32.64
CA VAL A 621 16.92 0.63 31.22
C VAL A 621 17.55 1.74 30.37
N ILE A 622 17.27 2.99 30.70
CA ILE A 622 17.88 4.14 30.00
C ILE A 622 19.37 3.86 29.71
N SER A 623 20.04 3.26 30.69
CA SER A 623 21.46 2.95 30.61
C SER A 623 21.79 1.91 29.54
N GLN A 624 21.11 0.75 29.60
CA GLN A 624 21.37 -0.36 28.67
C GLN A 624 21.28 0.12 27.25
N LEU A 625 20.23 0.90 27.00
CA LEU A 625 19.96 1.55 25.73
C LEU A 625 21.18 2.33 25.28
N LYS A 626 21.64 3.27 26.11
CA LYS A 626 22.82 4.09 25.83
C LYS A 626 24.04 3.18 25.64
N GLN A 627 24.16 2.17 26.51
CA GLN A 627 25.23 1.18 26.40
C GLN A 627 25.24 0.57 25.00
N LYS A 628 24.14 -0.08 24.61
CA LYS A 628 24.09 -0.72 23.30
C LYS A 628 24.21 0.21 22.11
N LEU A 629 23.77 1.45 22.27
CA LEU A 629 23.76 2.38 21.14
C LEU A 629 25.14 2.90 20.76
N GLU A 630 26.05 2.89 21.73
CA GLU A 630 27.46 3.22 21.46
C GLU A 630 28.30 1.97 21.19
N ASN A 631 27.80 0.82 21.65
CA ASN A 631 28.32 -0.48 21.25
C ASN A 631 28.29 -0.59 19.74
N LEU A 632 27.53 0.29 19.11
CA LEU A 632 27.23 0.18 17.68
C LEU A 632 27.78 1.29 16.80
N GLN A 633 28.09 2.45 17.36
CA GLN A 633 28.61 3.54 16.53
C GLN A 633 30.07 3.28 16.07
N ASN A 634 30.63 2.13 16.46
CA ASN A 634 31.95 1.70 15.96
C ASN A 634 31.85 1.03 14.59
N SER A 635 32.49 -0.13 14.45
CA SER A 635 32.58 -0.83 13.16
C SER A 635 31.49 -1.89 12.95
N GLN A 636 30.36 -1.69 13.62
CA GLN A 636 29.11 -2.38 13.33
C GLN A 636 28.34 -1.50 12.35
N LEU A 637 27.86 -0.34 12.82
CA LEU A 637 27.22 0.68 11.97
C LEU A 637 28.17 1.20 10.90
N PRO A 638 27.75 1.15 9.62
CA PRO A 638 28.50 1.90 8.59
C PRO A 638 28.32 3.40 8.80
N GLU A 639 29.12 4.21 8.11
CA GLU A 639 29.19 5.65 8.40
C GLU A 639 27.84 6.38 8.24
N SER A 640 27.02 5.91 7.30
CA SER A 640 25.72 6.54 6.99
C SER A 640 24.68 5.55 6.44
N PHE A 641 23.66 6.05 5.71
CA PHE A 641 22.61 5.21 5.06
C PHE A 641 21.34 5.97 4.75
N ARG A 642 20.67 5.61 3.64
CA ARG A 642 19.40 6.23 3.23
C ARG A 642 18.27 5.88 4.16
N VAL A 643 17.34 6.80 4.35
CA VAL A 643 16.17 6.46 5.13
C VAL A 643 15.13 5.77 4.24
N PRO A 644 14.79 4.50 4.57
CA PRO A 644 13.87 3.68 3.81
C PRO A 644 12.45 4.24 3.61
N TYR A 645 11.93 5.05 4.54
CA TYR A 645 10.65 5.77 4.27
C TYR A 645 10.77 7.06 3.43
N ASP A 646 11.99 7.49 3.13
CA ASP A 646 12.27 8.73 2.43
C ASP A 646 13.69 8.59 1.87
N PRO A 647 13.81 8.12 0.63
CA PRO A 647 15.10 7.72 0.03
C PRO A 647 16.05 8.87 -0.22
N GLY A 648 15.55 10.08 0.01
CA GLY A 648 16.37 11.27 -0.15
C GLY A 648 17.29 11.61 1.00
N LEU A 649 17.04 11.04 2.17
CA LEU A 649 17.70 11.45 3.42
C LEU A 649 18.79 10.54 3.91
N LYS A 650 20.01 11.07 3.90
CA LYS A 650 21.18 10.36 4.38
C LYS A 650 21.36 10.54 5.87
N ALA A 651 21.17 9.47 6.60
CA ALA A 651 21.32 9.48 8.05
C ALA A 651 22.74 9.05 8.41
N GLY A 652 23.44 9.92 9.12
CA GLY A 652 24.75 9.55 9.65
C GLY A 652 24.73 9.03 11.07
N ALA A 653 25.34 9.82 11.95
CA ALA A 653 25.65 9.41 13.29
C ALA A 653 24.44 9.45 14.22
N LEU A 654 24.27 8.39 15.00
CA LEU A 654 23.30 8.36 16.09
C LEU A 654 23.51 9.46 17.15
N ALA A 655 22.67 10.49 17.12
CA ALA A 655 22.65 11.53 18.16
C ALA A 655 22.26 10.99 19.55
N ILE A 656 23.16 10.22 20.17
CA ILE A 656 22.82 9.33 21.30
C ILE A 656 22.03 9.96 22.46
N GLU A 657 22.40 11.15 22.92
CA GLU A 657 21.72 11.76 24.08
C GLU A 657 20.21 11.68 23.89
N LYS A 658 19.77 12.19 22.73
CA LYS A 658 18.37 12.37 22.38
C LYS A 658 17.56 11.07 22.23
N CYS A 659 18.26 9.96 21.97
CA CYS A 659 17.65 8.63 21.84
C CYS A 659 17.19 8.13 23.19
N LYS A 660 15.95 7.66 23.25
CA LYS A 660 15.39 7.20 24.51
C LYS A 660 14.30 6.16 24.28
N VAL A 661 13.94 5.47 25.35
CA VAL A 661 12.88 4.49 25.32
C VAL A 661 11.60 5.14 25.84
N MET A 662 10.45 4.79 25.25
CA MET A 662 9.21 5.52 25.50
C MET A 662 8.33 4.90 26.58
N ALA A 663 7.23 5.56 26.92
CA ALA A 663 6.35 5.12 28.01
C ALA A 663 4.99 4.60 27.52
N SER A 664 4.96 3.33 27.14
CA SER A 664 3.74 2.66 26.65
C SER A 664 3.88 1.16 26.84
N LYS A 665 2.76 0.43 26.78
CA LYS A 665 2.77 -1.04 26.81
C LYS A 665 3.93 -1.58 25.97
N LYS A 666 3.97 -1.16 24.69
CA LYS A 666 5.09 -1.44 23.79
C LYS A 666 6.13 -0.41 24.12
N LYS A 667 7.40 -0.77 24.07
CA LYS A 667 8.39 0.19 24.58
C LYS A 667 9.18 0.73 23.40
N PRO A 668 8.56 1.63 22.61
CA PRO A 668 9.21 1.95 21.35
C PRO A 668 10.52 2.66 21.59
N LEU A 669 11.48 2.43 20.69
CA LEU A 669 12.73 3.13 20.72
C LEU A 669 12.70 4.42 19.90
N TRP A 670 12.72 5.56 20.58
CA TRP A 670 12.83 6.84 19.90
C TRP A 670 14.29 7.16 19.57
N LEU A 671 14.62 7.24 18.29
CA LEU A 671 15.99 7.54 17.86
C LEU A 671 16.13 8.86 17.07
N GLU A 672 17.27 9.52 17.20
CA GLU A 672 17.57 10.69 16.39
C GLU A 672 18.87 10.48 15.65
N PHE A 673 18.97 11.12 14.49
CA PHE A 673 20.09 10.92 13.60
C PHE A 673 20.54 12.23 13.04
N LYS A 674 21.77 12.59 13.35
CA LYS A 674 22.49 13.63 12.66
C LYS A 674 22.38 13.36 11.15
N CYS A 675 22.04 14.39 10.39
CA CYS A 675 21.98 14.23 8.96
C CYS A 675 23.39 13.84 8.56
N ALA A 676 23.54 13.01 7.53
CA ALA A 676 24.86 12.64 7.04
C ALA A 676 25.36 13.63 6.04
N ASP A 677 24.44 14.32 5.37
CA ASP A 677 24.81 15.19 4.26
C ASP A 677 25.27 16.54 4.78
N PRO A 678 26.54 16.90 4.50
CA PRO A 678 26.95 18.21 4.97
C PRO A 678 26.50 19.39 4.12
N THR A 679 25.83 19.18 2.99
CA THR A 679 25.26 20.34 2.29
C THR A 679 23.93 20.75 2.91
N ALA A 680 23.52 20.01 3.95
CA ALA A 680 22.26 20.23 4.65
C ALA A 680 22.26 21.49 5.51
N LEU A 681 21.50 22.48 5.10
CA LEU A 681 21.47 23.80 5.75
C LEU A 681 20.61 23.83 7.02
N SER A 682 20.99 23.02 8.01
CA SER A 682 20.32 22.95 9.30
C SER A 682 20.96 21.84 10.13
N ASN A 683 20.55 21.74 11.39
CA ASN A 683 20.95 20.62 12.24
C ASN A 683 19.76 19.80 12.69
N GLU A 684 18.64 19.97 11.99
CA GLU A 684 17.42 19.28 12.37
C GLU A 684 17.54 17.80 12.11
N THR A 685 18.04 17.06 13.13
CA THR A 685 18.31 15.61 13.02
C THR A 685 17.13 14.84 12.47
N ILE A 686 17.42 13.59 12.09
CA ILE A 686 16.42 12.70 11.54
C ILE A 686 15.88 11.82 12.64
N GLY A 687 14.57 11.81 12.79
CA GLY A 687 13.96 11.13 13.91
C GLY A 687 13.22 9.96 13.37
N ILE A 688 13.47 8.79 13.95
CA ILE A 688 12.85 7.53 13.57
C ILE A 688 12.50 6.79 14.84
N ILE A 689 11.33 6.14 14.84
CA ILE A 689 10.88 5.37 15.99
C ILE A 689 10.82 3.93 15.58
N PHE A 690 11.44 3.04 16.35
CA PHE A 690 11.39 1.61 16.09
C PHE A 690 10.45 0.92 17.04
N LYS A 691 9.43 0.27 16.51
CA LYS A 691 8.38 -0.28 17.36
C LYS A 691 8.18 -1.75 17.06
N HIS A 692 7.84 -2.49 18.12
CA HIS A 692 7.38 -3.86 18.00
C HIS A 692 6.06 -4.00 18.75
N GLY A 693 5.18 -4.82 18.19
CA GLY A 693 3.92 -5.15 18.86
C GLY A 693 2.72 -4.62 18.14
N ASP A 694 2.92 -3.86 17.07
CA ASP A 694 1.80 -3.36 16.31
C ASP A 694 1.92 -3.69 14.84
N ASP A 695 0.79 -3.84 14.17
CA ASP A 695 0.84 -4.17 12.75
C ASP A 695 1.09 -2.97 11.85
N LEU A 696 2.28 -2.38 11.97
CA LEU A 696 2.76 -1.32 11.08
C LEU A 696 2.37 -1.41 9.59
N ARG A 697 2.06 -2.61 9.12
CA ARG A 697 1.49 -2.76 7.82
C ARG A 697 0.20 -1.95 7.68
N GLN A 698 -0.76 -2.19 8.56
CA GLN A 698 -2.06 -1.60 8.46
C GLN A 698 -1.88 -0.09 8.33
N ASP A 699 -0.99 0.47 9.18
CA ASP A 699 -0.59 1.88 9.06
C ASP A 699 -0.23 2.17 7.62
N MET A 700 0.71 1.40 7.05
CA MET A 700 1.16 1.60 5.67
C MET A 700 -0.02 1.77 4.70
N LEU A 701 -0.91 0.80 4.68
CA LEU A 701 -1.99 0.84 3.72
C LEU A 701 -2.76 2.15 3.88
N ILE A 702 -3.04 2.53 5.12
CA ILE A 702 -3.91 3.67 5.39
C ILE A 702 -3.21 4.90 4.91
N LEU A 703 -1.94 5.03 5.28
CA LEU A 703 -1.18 6.20 4.90
C LEU A 703 -1.22 6.34 3.42
N GLN A 704 -1.09 5.20 2.74
CA GLN A 704 -1.04 5.26 1.30
C GLN A 704 -2.34 5.78 0.75
N ILE A 705 -3.46 5.41 1.36
CA ILE A 705 -4.75 5.97 0.99
C ILE A 705 -4.87 7.47 1.36
N LEU A 706 -4.23 7.85 2.47
CA LEU A 706 -4.13 9.25 2.87
C LEU A 706 -3.49 10.09 1.75
N ARG A 707 -2.31 9.68 1.31
CA ARG A 707 -1.64 10.34 0.21
C ARG A 707 -2.51 10.36 -1.05
N ILE A 708 -3.38 9.38 -1.20
CA ILE A 708 -4.27 9.39 -2.35
C ILE A 708 -5.38 10.45 -2.18
N MET A 709 -6.00 10.47 -1.01
CA MET A 709 -6.99 11.49 -0.76
C MET A 709 -6.41 12.89 -1.02
N GLU A 710 -5.17 13.15 -0.59
CA GLU A 710 -4.56 14.44 -0.87
C GLU A 710 -4.50 14.75 -2.36
N SER A 711 -4.26 13.75 -3.17
CA SER A 711 -4.04 14.02 -4.56
C SER A 711 -5.38 13.91 -5.28
N ILE A 712 -6.45 13.81 -4.50
CA ILE A 712 -7.76 13.99 -5.08
C ILE A 712 -8.18 15.42 -4.79
N TRP A 713 -7.97 15.86 -3.56
CA TRP A 713 -8.26 17.22 -3.22
C TRP A 713 -7.42 18.18 -4.04
N GLU A 714 -6.27 17.74 -4.53
CA GLU A 714 -5.41 18.63 -5.30
C GLU A 714 -5.93 18.84 -6.72
N THR A 715 -6.63 17.85 -7.25
CA THR A 715 -7.23 17.94 -8.58
C THR A 715 -8.27 19.06 -8.62
N GLU A 716 -8.52 19.64 -7.44
CA GLU A 716 -9.50 20.71 -7.25
C GLU A 716 -8.97 21.89 -6.42
N SER A 717 -7.66 22.14 -6.53
CA SER A 717 -7.01 23.13 -5.68
C SER A 717 -7.64 23.23 -4.28
N LEU A 718 -7.67 22.09 -3.60
CA LEU A 718 -7.98 22.01 -2.18
C LEU A 718 -6.81 21.39 -1.48
N ASP A 719 -6.36 22.03 -0.41
CA ASP A 719 -5.29 21.47 0.38
C ASP A 719 -5.76 21.34 1.81
N LEU A 720 -5.91 20.11 2.28
CA LEU A 720 -6.45 19.86 3.61
C LEU A 720 -5.38 19.49 4.61
N CYS A 721 -4.15 19.93 4.33
CA CYS A 721 -3.05 19.80 5.24
C CYS A 721 -2.92 18.50 6.03
N LEU A 722 -2.73 17.39 5.31
CA LEU A 722 -2.50 16.08 5.96
C LEU A 722 -1.02 15.86 6.27
N LEU A 723 -0.74 15.10 7.33
CA LEU A 723 0.63 14.60 7.58
C LEU A 723 0.63 13.06 7.55
N PRO A 724 0.71 12.47 6.33
CA PRO A 724 0.88 11.03 6.27
C PRO A 724 2.36 10.69 6.42
N TYR A 725 2.78 10.56 7.67
CA TYR A 725 4.19 10.34 8.02
C TYR A 725 4.73 9.05 7.38
N GLY A 726 6.03 9.03 7.09
CA GLY A 726 6.62 7.85 6.47
C GLY A 726 6.47 6.68 7.40
N CYS A 727 6.21 5.50 6.87
CA CYS A 727 6.11 4.31 7.69
C CYS A 727 6.52 3.08 6.89
N ILE A 728 7.56 2.38 7.35
CA ILE A 728 7.94 1.13 6.71
C ILE A 728 7.86 -0.03 7.68
N SER A 729 7.09 -1.03 7.30
CA SER A 729 7.00 -2.27 8.01
C SER A 729 8.22 -3.10 7.56
N THR A 730 8.96 -3.61 8.54
CA THR A 730 10.22 -4.31 8.28
C THR A 730 10.03 -5.81 8.47
N GLY A 731 9.20 -6.16 9.45
CA GLY A 731 8.87 -7.56 9.76
C GLY A 731 7.51 -7.74 10.36
N ASP A 732 7.42 -8.65 11.33
CA ASP A 732 6.13 -9.00 11.93
C ASP A 732 5.88 -8.29 13.26
N LYS A 733 4.81 -7.51 13.32
CA LYS A 733 4.58 -6.56 14.40
C LYS A 733 5.85 -5.68 14.63
N ILE A 734 6.58 -5.37 13.57
CA ILE A 734 7.84 -4.64 13.72
C ILE A 734 8.20 -3.78 12.50
N GLY A 735 8.69 -2.58 12.79
CA GLY A 735 9.07 -1.64 11.74
C GLY A 735 9.49 -0.28 12.26
N MET A 736 9.58 0.67 11.34
CA MET A 736 9.97 2.02 11.67
C MET A 736 8.90 3.02 11.29
N ILE A 737 8.94 4.17 11.94
CA ILE A 737 7.99 5.27 11.74
C ILE A 737 8.74 6.61 11.62
N GLU A 738 8.30 7.49 10.76
CA GLU A 738 8.93 8.80 10.75
C GLU A 738 8.48 9.65 11.97
N ILE A 739 9.39 10.45 12.54
CA ILE A 739 9.00 11.35 13.62
C ILE A 739 8.68 12.71 13.05
N VAL A 740 7.46 13.17 13.31
CA VAL A 740 7.08 14.52 12.95
C VAL A 740 7.53 15.49 14.02
N LYS A 741 8.30 16.48 13.60
CA LYS A 741 8.95 17.43 14.50
C LYS A 741 7.99 18.42 15.20
N ASP A 742 8.15 18.53 16.53
CA ASP A 742 7.54 19.62 17.32
C ASP A 742 6.05 19.37 17.59
N ALA A 743 5.72 18.11 17.87
CA ALA A 743 4.34 17.66 17.93
C ALA A 743 4.08 17.11 19.28
N THR A 744 2.84 17.14 19.72
CA THR A 744 2.47 16.39 20.92
C THR A 744 1.21 15.61 20.65
N THR A 745 0.91 14.76 21.61
CA THR A 745 -0.33 14.06 21.72
C THR A 745 -1.35 14.98 22.39
N ILE A 746 -2.60 14.93 21.90
CA ILE A 746 -3.70 15.71 22.47
C ILE A 746 -3.99 15.34 23.93
N ALA A 747 -3.94 14.04 24.24
CA ALA A 747 -4.03 13.57 25.62
C ALA A 747 -2.96 14.19 26.54
N LYS A 748 -1.75 14.39 26.02
CA LYS A 748 -0.68 14.87 26.86
C LYS A 748 -0.78 16.39 27.05
N ILE A 749 -1.32 17.09 26.05
CA ILE A 749 -1.66 18.49 26.17
C ILE A 749 -2.74 18.64 27.25
N GLN A 750 -3.65 17.66 27.30
CA GLN A 750 -4.63 17.56 28.36
C GLN A 750 -3.97 17.19 29.69
N GLN A 751 -2.99 16.28 29.64
CA GLN A 751 -2.25 15.88 30.84
C GLN A 751 -1.53 17.05 31.57
N SER A 752 -1.22 18.13 30.83
CA SER A 752 -0.67 19.38 31.38
C SER A 752 -1.41 19.77 32.65
N THR A 753 -2.74 19.74 32.55
CA THR A 753 -3.66 20.22 33.57
C THR A 753 -4.45 19.08 34.24
N VAL A 754 -3.90 17.86 34.18
CA VAL A 754 -4.37 16.65 34.93
C VAL A 754 -3.89 15.31 34.31
N GLY A 755 -3.58 14.33 35.14
CA GLY A 755 -3.14 13.04 34.65
C GLY A 755 -3.95 11.90 35.24
N ASN A 756 -3.80 11.73 36.56
CA ASN A 756 -4.56 10.79 37.38
C ASN A 756 -6.07 10.78 37.04
N THR A 757 -6.51 11.72 36.19
CA THR A 757 -7.95 11.92 35.97
C THR A 757 -8.38 12.18 34.51
N GLY A 758 -7.87 13.22 33.86
CA GLY A 758 -8.46 13.61 32.59
C GLY A 758 -9.95 13.91 32.77
N ALA A 759 -10.22 14.93 33.58
CA ALA A 759 -11.52 15.56 33.66
C ALA A 759 -11.47 16.69 32.66
N PHE A 760 -11.50 16.34 31.38
CA PHE A 760 -11.05 17.21 30.31
C PHE A 760 -11.59 18.65 30.34
N LYS A 761 -10.71 19.62 30.14
CA LYS A 761 -11.09 21.02 30.15
C LYS A 761 -11.07 21.59 28.72
N ASP A 762 -12.05 22.42 28.39
CA ASP A 762 -12.30 22.85 27.00
C ASP A 762 -11.38 23.96 26.52
N GLU A 763 -10.69 24.61 27.45
CA GLU A 763 -9.92 25.83 27.16
C GLU A 763 -8.51 25.55 26.63
N VAL A 764 -7.98 24.37 26.96
CA VAL A 764 -6.54 24.07 26.98
C VAL A 764 -5.75 24.18 25.66
N LEU A 765 -6.33 23.68 24.58
CA LEU A 765 -5.66 23.60 23.30
C LEU A 765 -5.32 24.98 22.79
N ASN A 766 -6.33 25.84 22.69
CA ASN A 766 -6.14 27.22 22.21
C ASN A 766 -5.17 28.01 23.10
N HIS A 767 -5.11 27.66 24.38
CA HIS A 767 -4.11 28.20 25.32
C HIS A 767 -2.72 27.80 24.84
N TRP A 768 -2.57 26.51 24.56
CA TRP A 768 -1.34 25.89 24.09
C TRP A 768 -0.86 26.48 22.76
N LEU A 769 -1.78 26.73 21.84
CA LEU A 769 -1.38 27.34 20.58
C LEU A 769 -0.83 28.75 20.84
N LYS A 770 -1.61 29.59 21.52
CA LYS A 770 -1.15 30.92 21.93
C LYS A 770 0.20 30.80 22.66
N GLU A 771 0.27 29.87 23.61
CA GLU A 771 1.49 29.58 24.36
C GLU A 771 2.69 29.23 23.45
N LYS A 772 2.40 28.55 22.34
CA LYS A 772 3.45 28.05 21.46
C LYS A 772 3.55 28.81 20.12
N SER A 773 2.98 30.00 20.07
CA SER A 773 3.00 30.81 18.87
C SER A 773 3.76 32.11 19.11
N PRO A 774 4.74 32.43 18.25
CA PRO A 774 5.65 33.54 18.56
C PRO A 774 5.02 34.91 18.29
N THR A 775 4.83 35.26 17.02
CA THR A 775 4.07 36.46 16.64
C THR A 775 2.56 36.23 16.86
N GLU A 776 1.74 36.61 15.89
CA GLU A 776 0.30 36.52 16.01
C GLU A 776 -0.23 36.39 14.61
N GLU A 777 0.58 36.82 13.63
CA GLU A 777 0.33 36.47 12.24
C GLU A 777 0.43 34.94 12.18
N LYS A 778 1.40 34.41 12.93
CA LYS A 778 1.60 32.97 13.07
C LYS A 778 0.40 32.28 13.74
N PHE A 779 0.10 32.66 14.99
CA PHE A 779 -1.06 32.14 15.73
C PHE A 779 -2.33 32.02 14.88
N GLN A 780 -2.58 32.99 14.01
CA GLN A 780 -3.80 32.94 13.20
C GLN A 780 -3.68 31.88 12.10
N ALA A 781 -2.53 31.84 11.42
CA ALA A 781 -2.21 30.77 10.46
C ALA A 781 -2.31 29.40 11.13
N ALA A 782 -1.63 29.25 12.28
CA ALA A 782 -1.72 28.01 13.06
C ALA A 782 -3.17 27.60 13.30
N VAL A 783 -4.05 28.55 13.57
CA VAL A 783 -5.45 28.24 13.84
C VAL A 783 -6.18 27.83 12.57
N GLU A 784 -5.79 28.46 11.47
CA GLU A 784 -6.27 28.05 10.15
C GLU A 784 -5.81 26.60 9.81
N ARG A 785 -4.52 26.33 9.98
CA ARG A 785 -3.96 25.01 9.66
C ARG A 785 -4.63 23.92 10.48
N PHE A 786 -4.92 24.23 11.73
CA PHE A 786 -5.71 23.33 12.54
C PHE A 786 -7.03 23.06 11.81
N VAL A 787 -7.82 24.10 11.61
CA VAL A 787 -9.10 24.02 10.90
C VAL A 787 -9.00 23.23 9.58
N TYR A 788 -7.93 23.46 8.84
CA TYR A 788 -7.77 22.74 7.58
C TYR A 788 -7.41 21.28 7.82
N SER A 789 -6.35 21.05 8.60
CA SER A 789 -5.95 19.68 8.99
C SER A 789 -7.10 18.91 9.63
N CYS A 790 -7.74 19.50 10.63
CA CYS A 790 -8.79 18.86 11.37
C CYS A 790 -9.96 18.44 10.50
N ALA A 791 -10.36 19.33 9.60
CA ALA A 791 -11.39 18.99 8.63
C ALA A 791 -10.86 17.85 7.75
N GLY A 792 -9.60 17.95 7.35
CA GLY A 792 -8.97 16.90 6.59
C GLY A 792 -9.16 15.53 7.21
N TYR A 793 -8.67 15.38 8.44
CA TYR A 793 -8.77 14.10 9.11
C TYR A 793 -10.20 13.72 9.39
N CYS A 794 -11.04 14.70 9.75
CA CYS A 794 -12.48 14.43 9.96
C CYS A 794 -13.16 13.66 8.82
N VAL A 795 -13.03 14.15 7.59
CA VAL A 795 -13.59 13.43 6.44
C VAL A 795 -12.98 12.03 6.23
N ALA A 796 -11.66 12.03 6.02
CA ALA A 796 -10.92 10.84 5.60
C ALA A 796 -11.10 9.75 6.64
N THR A 797 -10.74 10.08 7.88
CA THR A 797 -11.01 9.25 9.01
C THR A 797 -12.41 8.75 8.93
N PHE A 798 -13.35 9.63 8.61
CA PHE A 798 -14.74 9.20 8.57
C PHE A 798 -14.88 8.10 7.52
N VAL A 799 -14.59 8.43 6.26
CA VAL A 799 -14.76 7.46 5.16
C VAL A 799 -14.08 6.08 5.37
N LEU A 800 -12.83 6.10 5.83
CA LEU A 800 -12.13 4.87 6.19
C LEU A 800 -12.66 4.14 7.45
N GLY A 801 -13.52 4.79 8.22
CA GLY A 801 -14.22 4.12 9.31
C GLY A 801 -13.32 3.74 10.47
N ILE A 802 -12.36 4.61 10.72
CA ILE A 802 -11.42 4.54 11.81
C ILE A 802 -11.38 5.94 12.47
N GLY A 803 -12.58 6.53 12.52
CA GLY A 803 -12.81 7.88 13.01
C GLY A 803 -12.94 7.97 14.51
N ASP A 804 -13.59 6.98 15.10
CA ASP A 804 -13.73 6.95 16.54
C ASP A 804 -12.44 6.47 17.19
N ARG A 805 -11.56 7.42 17.50
CA ARG A 805 -10.27 7.16 18.17
C ARG A 805 -10.21 7.92 19.47
N HIS A 806 -9.13 7.74 20.23
CA HIS A 806 -8.98 8.54 21.44
C HIS A 806 -7.70 9.39 21.55
N ASN A 807 -7.90 10.68 21.81
CA ASN A 807 -6.86 11.73 21.91
C ASN A 807 -5.39 11.31 22.07
N ASP A 808 -5.16 10.19 22.75
CA ASP A 808 -3.82 9.59 22.82
C ASP A 808 -3.26 9.35 21.40
N ASN A 809 -4.14 8.97 20.47
CA ASN A 809 -3.78 8.63 19.10
C ASN A 809 -3.96 9.80 18.10
N ILE A 810 -4.02 11.02 18.62
CA ILE A 810 -4.10 12.21 17.79
C ILE A 810 -3.05 13.23 18.20
N MET A 811 -2.27 13.65 17.22
CA MET A 811 -1.21 14.61 17.44
C MET A 811 -1.46 15.93 16.68
N ILE A 812 -0.75 16.97 17.14
CA ILE A 812 -0.78 18.31 16.54
C ILE A 812 0.65 18.92 16.52
N THR A 813 1.00 19.63 15.47
CA THR A 813 2.29 20.28 15.49
C THR A 813 2.24 21.65 16.21
N GLU A 814 3.41 22.11 16.64
CA GLU A 814 3.51 23.40 17.36
C GLU A 814 3.19 24.54 16.44
N THR A 815 2.84 24.20 15.20
CA THR A 815 2.71 25.16 14.12
C THR A 815 1.30 24.99 13.57
N GLY A 816 0.49 24.22 14.27
CA GLY A 816 -0.95 24.16 13.98
C GLY A 816 -1.54 22.87 13.46
N ASN A 817 -0.75 22.13 12.66
CA ASN A 817 -1.20 20.92 11.97
C ASN A 817 -1.57 19.73 12.86
N LEU A 818 -2.84 19.30 12.74
CA LEU A 818 -3.35 18.12 13.45
C LEU A 818 -3.13 16.95 12.55
N PHE A 819 -3.06 15.74 13.13
CA PHE A 819 -2.91 14.49 12.37
C PHE A 819 -3.03 13.27 13.25
N HIS A 820 -3.45 12.14 12.67
CA HIS A 820 -3.64 10.88 13.42
C HIS A 820 -2.47 9.97 13.27
N ILE A 821 -2.33 9.07 14.24
CA ILE A 821 -1.22 8.13 14.30
C ILE A 821 -1.70 6.77 14.77
N ASP A 822 -0.84 5.77 14.65
CA ASP A 822 -1.04 4.45 15.25
C ASP A 822 -2.29 3.73 14.76
N PHE A 823 -2.46 3.73 13.45
CA PHE A 823 -3.58 3.06 12.83
C PHE A 823 -3.63 1.57 13.15
N GLY A 824 -2.46 0.94 13.27
CA GLY A 824 -2.36 -0.49 13.59
C GLY A 824 -3.20 -0.89 14.78
N HIS A 825 -3.20 -0.05 15.82
CA HIS A 825 -3.91 -0.29 17.06
C HIS A 825 -5.38 -0.72 16.84
N ILE A 826 -6.27 0.22 16.50
CA ILE A 826 -7.72 -0.07 16.37
C ILE A 826 -8.09 -1.10 15.28
N LEU A 827 -7.41 -1.03 14.13
CA LEU A 827 -7.66 -2.01 13.06
C LEU A 827 -7.24 -3.42 13.47
N GLY A 828 -6.22 -3.49 14.34
CA GLY A 828 -5.73 -4.76 14.87
C GLY A 828 -6.57 -5.30 16.01
N ASN A 829 -7.45 -4.47 16.57
CA ASN A 829 -8.24 -4.86 17.74
C ASN A 829 -9.76 -4.92 17.50
N TYR A 830 -10.31 -3.94 16.78
CA TYR A 830 -11.76 -3.82 16.59
C TYR A 830 -12.44 -5.18 16.33
N ARG A 840 -20.19 5.67 20.91
CA ARG A 840 -19.76 5.74 19.50
C ARG A 840 -19.83 7.15 18.89
N VAL A 841 -18.85 7.45 18.04
CA VAL A 841 -18.75 8.74 17.38
C VAL A 841 -18.20 8.48 15.97
N PRO A 842 -18.53 9.35 15.00
CA PRO A 842 -18.03 9.07 13.65
C PRO A 842 -16.56 9.45 13.53
N PHE A 843 -16.13 10.37 14.39
CA PHE A 843 -14.79 10.92 14.39
C PHE A 843 -14.57 11.90 15.54
N VAL A 844 -13.32 12.09 15.90
CA VAL A 844 -13.01 12.92 17.03
C VAL A 844 -13.10 14.35 16.61
N LEU A 845 -14.08 15.06 17.15
CA LEU A 845 -14.20 16.52 16.97
C LEU A 845 -14.58 17.14 18.31
N THR A 846 -13.61 17.20 19.21
CA THR A 846 -13.89 17.50 20.61
C THR A 846 -14.16 18.98 20.89
N PRO A 847 -14.71 19.28 22.08
CA PRO A 847 -14.95 20.68 22.45
C PRO A 847 -13.69 21.57 22.43
N ASP A 848 -12.56 21.02 22.87
CA ASP A 848 -11.29 21.76 22.80
C ASP A 848 -10.92 22.11 21.36
N PHE A 849 -11.26 21.22 20.43
CA PHE A 849 -11.10 21.49 19.00
C PHE A 849 -12.00 22.68 18.64
N LEU A 850 -13.29 22.54 18.93
CA LEU A 850 -14.25 23.63 18.75
C LEU A 850 -13.79 25.00 19.29
N PHE A 851 -13.43 25.04 20.58
CA PHE A 851 -12.95 26.26 21.26
C PHE A 851 -11.91 27.04 20.43
N VAL A 852 -11.05 26.31 19.74
CA VAL A 852 -10.02 26.90 18.89
C VAL A 852 -10.66 27.53 17.65
N MET A 853 -11.69 26.85 17.16
CA MET A 853 -12.42 27.32 16.00
C MET A 853 -13.34 28.47 16.40
N GLY A 854 -13.41 28.74 17.70
CA GLY A 854 -14.13 29.89 18.24
C GLY A 854 -15.61 29.63 18.50
N THR A 855 -15.89 28.52 19.19
CA THR A 855 -17.25 28.14 19.55
C THR A 855 -17.25 27.22 20.78
N SER A 856 -17.33 27.80 21.97
CA SER A 856 -17.54 27.01 23.18
C SER A 856 -19.02 26.62 23.27
N GLY A 857 -19.33 25.44 22.75
CA GLY A 857 -20.68 24.89 22.82
C GLY A 857 -21.45 25.02 21.52
N LYS A 858 -22.78 25.08 21.66
CA LYS A 858 -23.68 25.12 20.51
C LYS A 858 -23.97 26.55 20.01
N LYS A 859 -22.91 27.30 19.72
CA LYS A 859 -23.02 28.59 19.04
C LYS A 859 -22.67 28.36 17.55
N THR A 860 -21.72 29.13 17.04
CA THR A 860 -21.29 29.14 15.62
C THR A 860 -20.28 30.26 15.48
N SER A 861 -19.31 30.12 14.57
CA SER A 861 -18.34 31.20 14.37
C SER A 861 -17.88 31.30 12.92
N PRO A 862 -17.19 32.40 12.56
CA PRO A 862 -16.73 32.49 11.16
C PRO A 862 -15.64 31.46 10.83
N HIS A 863 -15.02 30.89 11.86
CA HIS A 863 -14.04 29.80 11.70
C HIS A 863 -14.66 28.39 11.64
N PHE A 864 -15.64 28.13 12.50
CA PHE A 864 -16.39 26.89 12.43
C PHE A 864 -17.08 26.64 11.09
N GLN A 865 -17.71 27.68 10.54
CA GLN A 865 -18.39 27.56 9.24
C GLN A 865 -17.36 27.42 8.13
N LYS A 866 -16.24 28.14 8.28
CA LYS A 866 -15.09 27.95 7.40
C LYS A 866 -14.87 26.45 7.34
N PHE A 867 -14.63 25.87 8.52
CA PHE A 867 -14.42 24.45 8.71
C PHE A 867 -15.52 23.65 8.02
N GLN A 868 -16.76 23.88 8.45
CA GLN A 868 -17.91 23.09 8.04
C GLN A 868 -18.13 23.20 6.54
N ASP A 869 -17.69 24.32 5.99
CA ASP A 869 -17.73 24.59 4.55
C ASP A 869 -16.60 23.79 3.84
N ILE A 870 -15.46 23.63 4.51
CA ILE A 870 -14.34 22.80 4.00
C ILE A 870 -14.62 21.29 3.98
N CYS A 871 -15.25 20.78 5.03
CA CYS A 871 -15.57 19.37 5.12
C CYS A 871 -16.45 18.93 3.96
N VAL A 872 -17.22 19.88 3.44
CA VAL A 872 -18.26 19.53 2.50
C VAL A 872 -17.70 19.51 1.09
N LYS A 873 -16.95 20.56 0.73
CA LYS A 873 -16.17 20.56 -0.48
C LYS A 873 -15.30 19.28 -0.45
N ALA A 874 -14.77 18.95 0.73
CA ALA A 874 -13.91 17.77 0.92
C ALA A 874 -14.67 16.45 0.76
N TYR A 875 -15.71 16.28 1.57
CA TYR A 875 -16.57 15.10 1.53
C TYR A 875 -17.21 14.83 0.16
N LEU A 876 -17.37 15.87 -0.66
CA LEU A 876 -17.96 15.75 -1.99
C LEU A 876 -16.91 15.49 -3.04
N ALA A 877 -15.69 15.98 -2.82
CA ALA A 877 -14.61 15.71 -3.76
C ALA A 877 -14.28 14.21 -3.83
N LEU A 878 -14.31 13.55 -2.67
CA LEU A 878 -14.00 12.11 -2.63
C LEU A 878 -15.11 11.32 -3.29
N ARG A 879 -16.35 11.76 -3.09
CA ARG A 879 -17.46 11.04 -3.70
C ARG A 879 -17.37 10.98 -5.25
N HIS A 880 -16.71 11.95 -5.87
CA HIS A 880 -16.41 11.83 -7.31
C HIS A 880 -15.50 10.64 -7.59
N HIS A 881 -14.96 10.04 -6.53
CA HIS A 881 -14.09 8.89 -6.68
C HIS A 881 -14.58 7.69 -5.83
N THR A 882 -15.90 7.62 -5.67
CA THR A 882 -16.59 6.54 -4.97
C THR A 882 -15.96 5.22 -5.34
N ASN A 883 -16.16 4.79 -6.59
CA ASN A 883 -15.57 3.54 -7.03
C ASN A 883 -14.14 3.32 -6.57
N LEU A 884 -13.20 4.17 -7.03
CA LEU A 884 -11.82 4.11 -6.56
C LEU A 884 -11.73 3.83 -5.06
N LEU A 885 -12.28 4.73 -4.25
CA LEU A 885 -12.12 4.65 -2.82
C LEU A 885 -12.63 3.33 -2.30
N ILE A 886 -13.73 2.89 -2.90
CA ILE A 886 -14.34 1.64 -2.54
C ILE A 886 -13.40 0.46 -2.78
N ILE A 887 -12.88 0.36 -3.99
CA ILE A 887 -12.03 -0.76 -4.36
C ILE A 887 -10.77 -0.86 -3.49
N LEU A 888 -10.10 0.28 -3.27
CA LEU A 888 -8.92 0.33 -2.42
C LEU A 888 -9.27 -0.19 -1.05
N PHE A 889 -10.34 0.35 -0.48
CA PHE A 889 -10.80 -0.10 0.84
C PHE A 889 -11.06 -1.60 0.83
N SER A 890 -11.73 -2.05 -0.23
CA SER A 890 -12.08 -3.43 -0.34
C SER A 890 -10.76 -4.23 -0.25
N MET A 891 -9.79 -3.87 -1.09
CA MET A 891 -8.49 -4.52 -1.13
C MET A 891 -7.69 -4.45 0.16
N MET A 892 -7.67 -3.28 0.76
CA MET A 892 -6.90 -3.10 1.98
C MET A 892 -7.35 -4.08 3.03
N LEU A 893 -8.64 -4.37 3.07
CA LEU A 893 -9.16 -5.33 4.03
C LEU A 893 -8.80 -6.77 3.68
N MET A 894 -8.68 -7.07 2.40
CA MET A 894 -8.40 -8.43 2.02
C MET A 894 -6.95 -8.82 2.21
N THR A 895 -6.07 -7.81 2.08
CA THR A 895 -4.64 -8.04 1.98
C THR A 895 -3.93 -7.74 3.27
N GLY A 896 -4.51 -6.84 4.06
CA GLY A 896 -3.87 -6.30 5.25
C GLY A 896 -4.61 -6.55 6.55
N MET A 897 -5.93 -6.69 6.47
CA MET A 897 -6.77 -6.90 7.66
C MET A 897 -7.12 -8.37 7.89
N PRO A 898 -6.71 -8.92 9.06
CA PRO A 898 -7.03 -10.29 9.42
C PRO A 898 -8.32 -10.37 10.26
N GLN A 899 -9.21 -11.29 9.84
CA GLN A 899 -10.47 -11.62 10.55
C GLN A 899 -11.60 -10.58 10.40
N LEU A 900 -11.33 -9.31 10.70
CA LEU A 900 -12.37 -8.26 10.55
C LEU A 900 -12.70 -7.97 9.07
N THR A 901 -12.93 -9.05 8.33
CA THR A 901 -13.07 -9.03 6.88
C THR A 901 -14.52 -9.26 6.51
N SER A 902 -15.22 -10.06 7.33
CA SER A 902 -16.60 -10.50 7.06
C SER A 902 -17.04 -10.21 5.60
N LYS A 903 -17.79 -9.13 5.42
CA LYS A 903 -18.32 -8.66 4.14
C LYS A 903 -19.07 -7.37 4.45
N GLU A 904 -19.73 -7.38 5.60
CA GLU A 904 -20.43 -6.23 6.14
C GLU A 904 -19.41 -5.20 6.55
N ASP A 905 -18.19 -5.66 6.84
CA ASP A 905 -17.07 -4.75 7.08
C ASP A 905 -16.81 -3.92 5.84
N ILE A 906 -16.78 -4.59 4.67
CA ILE A 906 -16.53 -3.90 3.40
C ILE A 906 -17.62 -2.88 3.12
N GLU A 907 -18.87 -3.32 3.17
CA GLU A 907 -20.04 -2.49 2.88
C GLU A 907 -20.09 -1.21 3.72
N TYR A 908 -19.30 -1.16 4.79
CA TYR A 908 -19.24 0.02 5.64
C TYR A 908 -19.04 1.28 4.81
N ILE A 909 -18.17 1.20 3.81
CA ILE A 909 -17.79 2.37 3.01
C ILE A 909 -18.92 2.84 2.07
N ARG A 910 -19.72 1.91 1.59
CA ARG A 910 -20.89 2.17 0.78
C ARG A 910 -21.83 3.12 1.50
N ASP A 911 -22.03 2.90 2.80
CA ASP A 911 -22.76 3.83 3.63
C ASP A 911 -22.03 5.18 3.69
N ALA A 912 -20.89 5.23 4.36
CA ALA A 912 -20.07 6.43 4.49
C ALA A 912 -20.03 7.35 3.27
N LEU A 913 -19.84 6.78 2.08
CA LEU A 913 -19.73 7.57 0.84
C LEU A 913 -21.11 7.82 0.29
N THR A 914 -22.06 7.06 0.84
CA THR A 914 -23.48 7.35 0.66
C THR A 914 -23.85 7.17 -0.81
N VAL A 915 -23.57 5.96 -1.28
CA VAL A 915 -23.90 5.56 -2.63
C VAL A 915 -25.38 5.79 -2.83
N GLY A 916 -25.72 6.31 -4.01
CA GLY A 916 -27.10 6.45 -4.37
C GLY A 916 -27.55 7.88 -4.26
N LYS A 917 -27.19 8.55 -3.18
CA LYS A 917 -27.67 9.90 -2.92
C LYS A 917 -27.03 10.96 -3.80
N ASN A 918 -27.83 12.00 -4.06
CA ASN A 918 -27.42 13.14 -4.84
C ASN A 918 -26.57 14.04 -3.97
N GLU A 919 -25.85 14.99 -4.57
CA GLU A 919 -24.97 15.89 -3.84
C GLU A 919 -25.60 16.59 -2.64
N GLU A 920 -26.84 17.06 -2.80
CA GLU A 920 -27.50 17.75 -1.69
C GLU A 920 -27.80 16.82 -0.50
N ASP A 921 -28.56 15.75 -0.75
CA ASP A 921 -28.78 14.76 0.30
C ASP A 921 -27.46 14.50 0.99
N ALA A 922 -26.38 14.51 0.20
CA ALA A 922 -25.03 14.19 0.68
C ALA A 922 -24.50 15.23 1.64
N LYS A 923 -24.82 16.50 1.40
CA LYS A 923 -24.32 17.57 2.27
C LYS A 923 -24.98 17.48 3.64
N LYS A 924 -26.28 17.15 3.63
CA LYS A 924 -27.04 16.93 4.86
C LYS A 924 -26.39 15.86 5.75
N TYR A 925 -26.04 14.71 5.17
CA TYR A 925 -25.55 13.56 5.93
C TYR A 925 -24.24 13.84 6.61
N PHE A 926 -23.35 14.55 5.93
CA PHE A 926 -22.11 14.84 6.60
C PHE A 926 -22.29 15.87 7.72
N LEU A 927 -23.13 16.88 7.47
CA LEU A 927 -23.52 17.82 8.51
C LEU A 927 -24.16 17.16 9.74
N ASP A 928 -25.04 16.19 9.51
CA ASP A 928 -25.58 15.33 10.59
C ASP A 928 -24.41 14.76 11.41
N GLN A 929 -23.46 14.16 10.71
CA GLN A 929 -22.30 13.53 11.34
C GLN A 929 -21.53 14.51 12.19
N ILE A 930 -21.34 15.72 11.66
CA ILE A 930 -20.72 16.81 12.41
C ILE A 930 -21.52 17.10 13.68
N GLU A 931 -22.84 16.87 13.61
CA GLU A 931 -23.73 17.07 14.75
C GLU A 931 -23.58 16.03 15.87
N VAL A 932 -23.58 14.73 15.56
CA VAL A 932 -23.38 13.74 16.62
C VAL A 932 -22.16 14.07 17.48
N CYS A 933 -21.22 14.84 16.93
CA CYS A 933 -20.03 15.29 17.66
C CYS A 933 -20.32 16.45 18.62
N ARG A 934 -21.02 17.46 18.12
CA ARG A 934 -21.47 18.60 18.94
C ARG A 934 -22.34 18.07 20.07
N ASP A 935 -23.22 17.13 19.74
CA ASP A 935 -23.97 16.39 20.74
C ASP A 935 -23.03 15.82 21.81
N LYS A 936 -22.31 14.76 21.47
CA LYS A 936 -21.60 13.92 22.46
C LYS A 936 -20.39 14.53 23.19
N GLY A 937 -19.89 15.67 22.72
CA GLY A 937 -18.90 16.45 23.48
C GLY A 937 -17.74 15.63 24.00
N TRP A 938 -17.75 15.31 25.29
CA TRP A 938 -16.63 14.59 25.94
C TRP A 938 -16.91 13.15 26.28
N THR A 939 -18.14 12.71 26.05
CA THR A 939 -18.59 11.40 26.53
C THR A 939 -17.57 10.33 26.12
N VAL A 940 -17.43 10.15 24.80
CA VAL A 940 -16.73 8.99 24.27
C VAL A 940 -15.27 8.96 24.70
N GLN A 941 -14.61 10.11 24.60
CA GLN A 941 -13.21 10.22 25.00
C GLN A 941 -13.11 9.74 26.42
N PHE A 942 -14.01 10.24 27.25
CA PHE A 942 -14.04 9.90 28.66
C PHE A 942 -14.25 8.40 28.80
N ASN A 943 -14.97 7.81 27.86
CA ASN A 943 -15.18 6.37 27.86
C ASN A 943 -13.88 5.68 27.54
N TRP A 944 -13.16 6.21 26.55
CA TRP A 944 -11.88 5.63 26.17
C TRP A 944 -10.92 5.68 27.35
N PHE A 945 -10.72 6.87 27.93
CA PHE A 945 -9.88 7.03 29.11
C PHE A 945 -10.14 5.91 30.15
N LEU A 946 -11.42 5.61 30.38
CA LEU A 946 -11.78 4.52 31.29
C LEU A 946 -11.12 3.26 30.81
N HIS A 947 -11.64 2.72 29.71
CA HIS A 947 -11.11 1.59 28.95
C HIS A 947 -9.57 1.51 28.89
N LEU A 948 -8.96 2.43 28.13
CA LEU A 948 -7.52 2.39 27.74
C LEU A 948 -6.53 2.56 28.88
N VAL A 949 -6.68 3.68 29.60
CA VAL A 949 -5.84 4.02 30.75
C VAL A 949 -6.15 3.18 32.01
N LEU A 950 -7.39 2.75 32.21
CA LEU A 950 -7.77 1.93 33.39
C LEU A 950 -8.76 0.78 33.20
N GLY A 951 -9.97 1.06 32.71
CA GLY A 951 -11.08 0.09 32.63
C GLY A 951 -10.73 -1.26 32.00
N1 3RE B . 5.41 11.74 14.81
C2 3RE B . 5.71 11.98 16.09
N3 3RE B . 5.46 11.16 17.12
C4 3RE B . 4.86 10.02 16.83
C5 3RE B . 4.50 9.67 15.56
C6 3RE B . 4.82 10.58 14.58
N7 3RE B . 4.56 9.10 17.82
C8 3RE B . 3.94 7.87 17.58
C9 3RE B . 3.57 7.50 16.19
C10 3RE B . 3.87 8.40 15.25
N11 3RE B . 6.33 13.20 16.34
C12 3RE B . 4.47 10.27 13.18
O13 3RE B . 3.69 7.08 18.48
C14 3RE B . 4.91 9.48 19.17
C15 3RE B . 5.97 8.57 19.76
C16 3RE B . 6.23 8.90 21.22
C17 3RE B . 4.96 8.89 22.04
C18 3RE B . 4.01 9.91 21.44
C19 3RE B . 3.66 9.46 20.04
O20 3RE B . 5.29 9.30 23.36
C21 3RE B . 3.01 6.22 15.89
C22 3RE B . 2.60 5.80 14.60
C23 3RE B . 2.17 4.49 14.71
N24 3RE B . 2.33 4.18 16.02
N25 3RE B . 2.84 5.20 16.75
C26 3RE B . 5.04 8.17 24.19
#